data_1KJJ
#
_entry.id   1KJJ
#
_cell.length_a   61.900
_cell.length_b   179.300
_cell.length_c   76.100
_cell.angle_alpha   90.00
_cell.angle_beta   90.00
_cell.angle_gamma   90.00
#
_symmetry.space_group_name_H-M   'P 21 21 2'
#
loop_
_entity.id
_entity.type
_entity.pdbx_description
1 polymer 'phosphoribosylglycinamide formyltransferase 2'
2 non-polymer 'MAGNESIUM ION'
3 non-polymer 'SODIUM ION'
4 non-polymer 'CHLORIDE ION'
5 non-polymer 'PHOSPHOTHIOPHOSPHORIC ACID-ADENYLATE ESTER'
6 non-polymer '3[N-MORPHOLINO]PROPANE SULFONIC ACID'
7 water water
#
_entity_poly.entity_id   1
_entity_poly.type   'polypeptide(L)'
_entity_poly.pdbx_seq_one_letter_code
;TLLGTALRPAATRVMLLGSGELGKEVAIECQRLGVEVIAVDRYADAPAMHVAHRSHVINMLDGDALRRVVELEKPHYIVP
EIEAIATDMLIQLEEEGLNVVPCARATKLTMNREGIRRLAAEELQLPTSTYRFADSESLFREAVADIGYPCIVKPVMSSS
GKGQTFIRSAEQLAQAWKYAQQGGRAGAGRVIVEGVVKFDFEITLLTVSAVDGVHFCAPVGHRQEDGDYRESWQPQQMSP
LALERAQEIARKVVLALGGYGLFGVELFVCGDEVIFSEVSPRPHDTGMVTLISQDLSEFALHVRAFLGLPVGGIRQYGPA
ASAVILPQLTSQNVTFDNVQNAVGADLQIRLFGKPEIDGSRRLGVALATAESVVDAIERAKHAAGQVKVQG
;
_entity_poly.pdbx_strand_id   A,B
#
# COMPACT_ATOMS: atom_id res chain seq x y z
N THR A 1 -10.95 -8.50 -18.98
CA THR A 1 -11.09 -7.49 -17.96
C THR A 1 -10.58 -6.14 -18.46
N LEU A 2 -11.49 -5.20 -18.47
CA LEU A 2 -11.21 -3.86 -18.92
C LEU A 2 -11.35 -2.89 -17.75
N LEU A 3 -10.35 -2.07 -17.51
CA LEU A 3 -10.45 -1.09 -16.42
C LEU A 3 -10.28 0.29 -17.07
N GLY A 4 -11.05 1.28 -16.58
CA GLY A 4 -10.98 2.66 -17.08
C GLY A 4 -9.95 3.40 -16.21
N THR A 5 -9.93 4.72 -16.29
CA THR A 5 -9.03 5.56 -15.50
C THR A 5 -9.87 6.33 -14.48
N ALA A 6 -9.52 6.26 -13.21
CA ALA A 6 -10.39 7.00 -12.28
C ALA A 6 -10.50 8.49 -12.68
N LEU A 7 -11.72 9.00 -12.44
CA LEU A 7 -12.11 10.37 -12.68
C LEU A 7 -12.39 10.62 -14.17
N ARG A 8 -12.09 9.65 -15.03
CA ARG A 8 -12.35 9.85 -16.46
C ARG A 8 -13.70 9.27 -16.78
N PRO A 9 -14.26 9.62 -17.90
CA PRO A 9 -15.58 9.08 -18.22
C PRO A 9 -15.75 7.56 -18.19
N ALA A 10 -14.72 6.83 -18.63
CA ALA A 10 -14.79 5.40 -18.66
C ALA A 10 -14.29 4.81 -17.35
N ALA A 11 -14.12 5.62 -16.29
CA ALA A 11 -13.66 5.09 -15.02
C ALA A 11 -14.45 3.86 -14.51
N THR A 12 -13.76 3.00 -13.76
CA THR A 12 -14.33 1.81 -13.13
C THR A 12 -14.62 2.25 -11.70
N ARG A 13 -15.90 2.22 -11.31
CA ARG A 13 -16.28 2.71 -10.01
C ARG A 13 -16.63 1.67 -9.02
N VAL A 14 -16.01 1.82 -7.85
CA VAL A 14 -16.22 0.96 -6.69
C VAL A 14 -16.80 1.78 -5.56
N MET A 15 -17.91 1.29 -4.98
CA MET A 15 -18.52 1.92 -3.81
C MET A 15 -18.30 1.05 -2.56
N LEU A 16 -17.70 1.61 -1.51
CA LEU A 16 -17.47 0.85 -0.30
C LEU A 16 -18.56 1.22 0.68
N LEU A 17 -19.26 0.24 1.23
CA LEU A 17 -20.30 0.45 2.24
C LEU A 17 -19.69 -0.05 3.54
N GLY A 18 -19.14 0.94 4.23
CA GLY A 18 -18.36 0.75 5.44
C GLY A 18 -16.92 1.17 5.02
N SER A 19 -16.40 2.20 5.69
CA SER A 19 -15.11 2.84 5.44
C SER A 19 -14.09 2.73 6.61
N GLY A 20 -14.07 1.54 7.27
CA GLY A 20 -13.20 1.18 8.38
C GLY A 20 -11.81 0.90 7.82
N GLU A 21 -10.95 0.52 8.75
CA GLU A 21 -9.55 0.24 8.46
C GLU A 21 -9.41 -0.89 7.42
N LEU A 22 -10.39 -1.84 7.38
CA LEU A 22 -10.35 -2.92 6.41
C LEU A 22 -10.66 -2.33 5.01
N GLY A 23 -11.70 -1.49 4.97
CA GLY A 23 -12.13 -0.80 3.76
C GLY A 23 -10.98 0.08 3.27
N LYS A 24 -10.24 0.65 4.22
CA LYS A 24 -9.16 1.55 3.87
C LYS A 24 -8.16 0.87 2.95
N GLU A 25 -7.85 -0.36 3.31
CA GLU A 25 -6.88 -1.08 2.50
C GLU A 25 -7.44 -1.51 1.15
N VAL A 26 -8.75 -1.85 1.18
CA VAL A 26 -9.37 -2.22 -0.06
C VAL A 26 -9.28 -1.00 -0.98
N ALA A 27 -9.56 0.18 -0.40
CA ALA A 27 -9.48 1.43 -1.19
C ALA A 27 -8.08 1.67 -1.77
N ILE A 28 -7.01 1.47 -0.99
CA ILE A 28 -5.65 1.67 -1.49
C ILE A 28 -5.37 0.71 -2.61
N GLU A 29 -5.82 -0.52 -2.46
CA GLU A 29 -5.62 -1.47 -3.51
C GLU A 29 -6.38 -1.12 -4.78
N CYS A 30 -7.57 -0.52 -4.67
CA CYS A 30 -8.32 -0.06 -5.83
C CYS A 30 -7.59 1.11 -6.48
N GLN A 31 -7.15 2.05 -5.65
CA GLN A 31 -6.43 3.20 -6.12
C GLN A 31 -5.15 2.80 -6.81
N ARG A 32 -4.51 1.73 -6.34
CA ARG A 32 -3.25 1.30 -6.97
C ARG A 32 -3.44 0.85 -8.41
N LEU A 33 -4.70 0.55 -8.76
CA LEU A 33 -5.07 0.10 -10.11
C LEU A 33 -5.84 1.20 -10.88
N GLY A 34 -5.82 2.40 -10.33
CA GLY A 34 -6.51 3.53 -10.96
C GLY A 34 -8.04 3.35 -10.93
N VAL A 35 -8.56 2.55 -9.96
CA VAL A 35 -10.00 2.32 -9.80
C VAL A 35 -10.56 3.48 -9.00
N GLU A 36 -11.71 3.98 -9.45
CA GLU A 36 -12.38 5.07 -8.78
C GLU A 36 -13.12 4.54 -7.52
N VAL A 37 -12.91 5.25 -6.41
CA VAL A 37 -13.46 4.85 -5.12
C VAL A 37 -14.33 5.89 -4.41
N ILE A 38 -15.54 5.44 -4.11
CA ILE A 38 -16.48 6.24 -3.36
C ILE A 38 -16.68 5.49 -2.02
N ALA A 39 -16.37 6.17 -0.93
CA ALA A 39 -16.46 5.59 0.39
C ALA A 39 -17.67 6.13 1.13
N VAL A 40 -18.45 5.15 1.62
CA VAL A 40 -19.66 5.42 2.38
C VAL A 40 -19.59 4.86 3.80
N ASP A 41 -20.15 5.61 4.76
CA ASP A 41 -20.17 5.08 6.12
C ASP A 41 -21.24 5.82 6.86
N ARG A 42 -21.33 5.58 8.16
CA ARG A 42 -22.36 6.23 9.02
C ARG A 42 -21.80 7.41 9.83
N TYR A 43 -20.54 7.78 9.60
CA TYR A 43 -19.84 8.86 10.27
C TYR A 43 -18.81 9.41 9.30
N ALA A 44 -18.40 10.68 9.49
CA ALA A 44 -17.46 11.30 8.59
C ALA A 44 -16.04 11.03 9.00
N ASP A 45 -15.16 11.25 8.01
CA ASP A 45 -13.74 11.07 8.18
C ASP A 45 -13.33 9.65 8.56
N ALA A 46 -14.19 8.71 8.18
CA ALA A 46 -13.85 7.33 8.44
C ALA A 46 -12.62 6.95 7.61
N PRO A 47 -11.78 6.10 8.19
CA PRO A 47 -10.54 5.69 7.56
C PRO A 47 -10.48 5.59 6.03
N ALA A 48 -11.31 4.75 5.40
CA ALA A 48 -11.25 4.60 3.95
C ALA A 48 -11.62 5.90 3.25
N MET A 49 -12.38 6.83 3.87
CA MET A 49 -12.67 8.07 3.18
C MET A 49 -11.40 8.88 3.00
N HIS A 50 -10.40 8.56 3.82
CA HIS A 50 -9.18 9.35 3.69
C HIS A 50 -8.55 9.15 2.36
N VAL A 51 -8.78 7.97 1.81
CA VAL A 51 -8.14 7.65 0.54
C VAL A 51 -9.11 7.41 -0.57
N ALA A 52 -10.32 7.96 -0.43
CA ALA A 52 -11.27 7.77 -1.48
C ALA A 52 -11.36 8.99 -2.37
N HIS A 53 -11.89 8.82 -3.60
CA HIS A 53 -12.07 9.97 -4.46
C HIS A 53 -13.20 10.81 -3.88
N ARG A 54 -14.30 10.20 -3.38
CA ARG A 54 -15.43 10.97 -2.80
C ARG A 54 -15.99 10.11 -1.70
N SER A 55 -16.64 10.80 -0.78
CA SER A 55 -17.30 10.17 0.37
C SER A 55 -18.70 10.71 0.62
N HIS A 56 -19.50 9.81 1.17
CA HIS A 56 -20.85 10.11 1.60
C HIS A 56 -21.07 9.43 2.93
N VAL A 57 -21.96 10.07 3.69
CA VAL A 57 -22.37 9.63 5.05
C VAL A 57 -23.89 9.52 5.05
N ILE A 58 -24.40 8.31 5.29
CA ILE A 58 -25.83 8.06 5.29
C ILE A 58 -26.13 6.88 6.17
N ASN A 59 -27.42 6.56 6.19
CA ASN A 59 -27.87 5.41 6.94
C ASN A 59 -27.87 4.27 5.95
N MET A 60 -26.89 3.40 6.12
CA MET A 60 -26.69 2.25 5.23
C MET A 60 -27.68 1.14 5.48
N LEU A 61 -28.41 1.35 6.58
CA LEU A 61 -29.43 0.41 6.94
C LEU A 61 -30.70 0.83 6.23
N ASP A 62 -30.70 2.07 5.72
CA ASP A 62 -31.81 2.62 5.00
C ASP A 62 -31.74 2.30 3.48
N GLY A 63 -32.60 1.37 3.10
CA GLY A 63 -32.68 0.90 1.72
C GLY A 63 -32.90 2.01 0.74
N ASP A 64 -33.72 2.92 1.16
CA ASP A 64 -33.99 4.00 0.28
C ASP A 64 -32.77 4.87 0.11
N ALA A 65 -32.10 5.18 1.22
CA ALA A 65 -30.90 6.01 1.29
C ALA A 65 -29.84 5.38 0.41
N LEU A 66 -29.74 4.09 0.55
CA LEU A 66 -28.77 3.34 -0.21
C LEU A 66 -29.09 3.50 -1.67
N ARG A 67 -30.35 3.34 -1.99
CA ARG A 67 -30.61 3.48 -3.41
C ARG A 67 -30.25 4.86 -3.91
N ARG A 68 -30.47 5.87 -3.10
CA ARG A 68 -30.17 7.19 -3.60
C ARG A 68 -28.70 7.42 -3.96
N VAL A 69 -27.85 6.95 -3.05
CA VAL A 69 -26.42 7.16 -3.26
C VAL A 69 -25.96 6.30 -4.41
N VAL A 70 -26.54 5.10 -4.56
CA VAL A 70 -26.09 4.31 -5.69
C VAL A 70 -26.51 4.98 -7.00
N GLU A 71 -27.71 5.57 -6.93
CA GLU A 71 -28.24 6.25 -8.11
C GLU A 71 -27.34 7.41 -8.40
N LEU A 72 -26.98 8.10 -7.36
CA LEU A 72 -26.13 9.23 -7.56
C LEU A 72 -24.71 8.94 -8.06
N GLU A 73 -24.00 7.94 -7.55
CA GLU A 73 -22.62 7.71 -8.00
C GLU A 73 -22.47 6.63 -9.08
N LYS A 74 -23.53 5.87 -9.33
CA LYS A 74 -23.49 4.81 -10.34
C LYS A 74 -22.25 3.95 -10.34
N PRO A 75 -21.99 3.32 -9.18
CA PRO A 75 -20.82 2.45 -9.08
C PRO A 75 -21.00 1.14 -9.86
N HIS A 76 -19.91 0.54 -10.37
CA HIS A 76 -19.94 -0.78 -11.06
C HIS A 76 -20.03 -1.90 -9.99
N TYR A 77 -19.35 -1.62 -8.86
CA TYR A 77 -19.33 -2.51 -7.72
C TYR A 77 -19.73 -1.88 -6.41
N ILE A 78 -20.49 -2.68 -5.65
CA ILE A 78 -20.86 -2.25 -4.32
C ILE A 78 -20.16 -3.24 -3.36
N VAL A 79 -19.27 -2.71 -2.47
CA VAL A 79 -18.44 -3.48 -1.56
C VAL A 79 -18.66 -3.21 -0.08
N PRO A 80 -19.48 -4.08 0.54
CA PRO A 80 -19.83 -3.97 1.95
C PRO A 80 -18.72 -4.41 2.85
N GLU A 81 -18.49 -3.64 3.88
CA GLU A 81 -17.41 -3.93 4.79
C GLU A 81 -17.97 -4.48 6.10
N ILE A 82 -19.27 -4.29 6.33
CA ILE A 82 -19.88 -4.72 7.58
C ILE A 82 -21.20 -5.41 7.34
N GLU A 83 -21.79 -6.00 8.38
CA GLU A 83 -23.04 -6.74 8.33
C GLU A 83 -24.34 -5.91 8.22
N ALA A 84 -24.30 -4.74 8.87
CA ALA A 84 -25.40 -3.79 8.99
C ALA A 84 -25.71 -2.86 7.84
N ILE A 85 -26.24 -3.47 6.81
CA ILE A 85 -26.59 -2.70 5.64
C ILE A 85 -27.90 -3.27 5.15
N ALA A 86 -28.62 -2.45 4.37
CA ALA A 86 -29.90 -2.87 3.80
C ALA A 86 -29.76 -4.05 2.83
N THR A 87 -29.52 -5.27 3.33
CA THR A 87 -29.32 -6.38 2.39
C THR A 87 -30.46 -6.60 1.43
N ASP A 88 -31.67 -6.22 1.84
CA ASP A 88 -32.77 -6.41 0.91
C ASP A 88 -32.68 -5.50 -0.29
N MET A 89 -32.16 -4.29 -0.09
CA MET A 89 -32.01 -3.39 -1.25
C MET A 89 -30.84 -3.87 -2.12
N LEU A 90 -29.81 -4.47 -1.46
CA LEU A 90 -28.64 -4.94 -2.17
C LEU A 90 -29.13 -5.94 -3.16
N ILE A 91 -30.06 -6.76 -2.66
CA ILE A 91 -30.60 -7.78 -3.54
C ILE A 91 -31.28 -7.12 -4.74
N GLN A 92 -32.04 -6.05 -4.46
CA GLN A 92 -32.74 -5.34 -5.53
C GLN A 92 -31.76 -4.81 -6.52
N LEU A 93 -30.77 -4.13 -5.97
CA LEU A 93 -29.82 -3.55 -6.87
C LEU A 93 -29.10 -4.59 -7.68
N GLU A 94 -28.78 -5.68 -7.02
CA GLU A 94 -28.07 -6.68 -7.79
C GLU A 94 -28.95 -7.15 -8.94
N GLU A 95 -30.27 -7.22 -8.73
CA GLU A 95 -31.18 -7.63 -9.80
C GLU A 95 -31.26 -6.47 -10.81
N GLU A 96 -31.31 -5.24 -10.27
CA GLU A 96 -31.33 -4.09 -11.16
C GLU A 96 -30.05 -3.88 -11.91
N GLY A 97 -29.19 -4.92 -12.00
CA GLY A 97 -27.88 -4.91 -12.64
C GLY A 97 -26.56 -4.63 -11.84
N LEU A 98 -26.61 -4.21 -10.55
CA LEU A 98 -25.41 -3.94 -9.76
C LEU A 98 -24.63 -5.17 -9.25
N ASN A 99 -23.30 -5.08 -9.30
CA ASN A 99 -22.40 -6.10 -8.81
C ASN A 99 -22.14 -5.82 -7.32
N VAL A 100 -22.76 -6.68 -6.49
CA VAL A 100 -22.61 -6.67 -5.05
C VAL A 100 -21.52 -7.65 -4.71
N VAL A 101 -20.49 -7.22 -3.96
CA VAL A 101 -19.41 -8.17 -3.67
C VAL A 101 -19.58 -8.90 -2.35
N PRO A 102 -19.42 -10.25 -2.26
CA PRO A 102 -19.17 -11.18 -3.36
C PRO A 102 -20.47 -11.41 -4.16
N CYS A 103 -21.61 -11.32 -3.46
CA CYS A 103 -22.96 -11.39 -4.01
C CYS A 103 -23.92 -10.94 -2.92
N ALA A 104 -25.13 -10.49 -3.28
CA ALA A 104 -26.13 -9.99 -2.32
C ALA A 104 -26.65 -11.09 -1.37
N ARG A 105 -26.78 -12.33 -1.90
CA ARG A 105 -27.24 -13.46 -1.10
C ARG A 105 -26.23 -13.73 0.04
N ALA A 106 -24.91 -13.70 -0.33
CA ALA A 106 -23.86 -13.97 0.65
C ALA A 106 -23.99 -12.96 1.73
N THR A 107 -24.37 -11.77 1.31
CA THR A 107 -24.53 -10.71 2.29
C THR A 107 -25.77 -10.87 3.17
N LYS A 108 -26.84 -11.36 2.57
CA LYS A 108 -28.00 -11.58 3.38
C LYS A 108 -27.77 -12.71 4.45
N LEU A 109 -27.27 -13.85 3.97
CA LEU A 109 -27.01 -15.01 4.81
C LEU A 109 -26.17 -14.75 6.04
N THR A 110 -25.15 -13.94 5.83
CA THR A 110 -24.20 -13.67 6.92
C THR A 110 -24.47 -12.49 7.84
N MET A 111 -25.53 -11.78 7.59
CA MET A 111 -25.83 -10.61 8.38
C MET A 111 -26.47 -10.93 9.72
N ASN A 112 -26.88 -12.18 9.78
CA ASN A 112 -27.49 -12.68 11.00
C ASN A 112 -27.01 -14.11 11.18
N ARG A 113 -26.78 -14.48 12.43
CA ARG A 113 -26.22 -15.77 12.74
C ARG A 113 -27.05 -16.94 12.27
N GLU A 114 -28.36 -16.72 12.26
CA GLU A 114 -29.29 -17.74 11.87
C GLU A 114 -29.13 -18.18 10.44
N GLY A 115 -29.02 -17.21 9.55
CA GLY A 115 -28.88 -17.57 8.17
C GLY A 115 -27.68 -18.43 7.89
N ILE A 116 -26.53 -17.94 8.33
CA ILE A 116 -25.30 -18.67 8.07
C ILE A 116 -25.20 -19.99 8.82
N ARG A 117 -25.64 -20.00 10.09
CA ARG A 117 -25.57 -21.24 10.87
C ARG A 117 -26.42 -22.37 10.27
N ARG A 118 -27.69 -22.06 9.91
CA ARG A 118 -28.54 -23.08 9.32
C ARG A 118 -28.01 -23.47 7.96
N LEU A 119 -27.44 -22.53 7.23
CA LEU A 119 -26.92 -22.97 5.95
C LEU A 119 -25.77 -23.96 6.11
N ALA A 120 -24.80 -23.59 6.96
CA ALA A 120 -23.67 -24.44 7.12
C ALA A 120 -24.00 -25.79 7.67
N ALA A 121 -24.68 -25.69 8.80
CA ALA A 121 -25.07 -26.85 9.56
C ALA A 121 -26.12 -27.72 8.91
N GLU A 122 -27.20 -27.14 8.44
CA GLU A 122 -28.32 -27.91 7.87
C GLU A 122 -28.23 -28.19 6.36
N GLU A 123 -28.05 -27.13 5.61
CA GLU A 123 -27.99 -27.28 4.19
C GLU A 123 -26.69 -27.85 3.68
N LEU A 124 -25.56 -27.32 4.18
CA LEU A 124 -24.26 -27.81 3.74
C LEU A 124 -23.76 -29.01 4.54
N GLN A 125 -24.38 -29.21 5.71
CA GLN A 125 -23.95 -30.31 6.53
C GLN A 125 -22.50 -30.27 6.95
N LEU A 126 -22.02 -29.05 7.25
CA LEU A 126 -20.63 -28.86 7.72
C LEU A 126 -20.62 -29.09 9.27
N PRO A 127 -19.50 -29.46 9.88
CA PRO A 127 -19.49 -29.63 11.34
C PRO A 127 -19.43 -28.27 12.00
N THR A 128 -20.29 -28.12 13.02
CA THR A 128 -20.39 -26.87 13.79
C THR A 128 -20.72 -27.22 15.22
N SER A 129 -20.65 -26.21 16.09
CA SER A 129 -21.07 -26.43 17.49
C SER A 129 -22.56 -26.78 17.57
N THR A 130 -23.05 -27.30 18.67
CA THR A 130 -24.48 -27.52 18.73
C THR A 130 -24.98 -26.09 18.92
N TYR A 131 -26.23 -25.88 18.56
CA TYR A 131 -26.83 -24.59 18.68
C TYR A 131 -28.35 -24.67 18.82
N ARG A 132 -28.90 -23.62 19.40
CA ARG A 132 -30.33 -23.48 19.52
C ARG A 132 -30.61 -21.98 19.50
N PHE A 133 -31.64 -21.57 18.79
CA PHE A 133 -32.02 -20.14 18.68
C PHE A 133 -33.13 -19.86 19.67
N ALA A 134 -33.27 -18.63 20.11
CA ALA A 134 -34.36 -18.35 21.06
C ALA A 134 -34.85 -16.94 20.92
N ASP A 135 -36.17 -16.77 21.02
CA ASP A 135 -36.72 -15.42 20.91
C ASP A 135 -37.44 -14.88 22.12
N SER A 136 -37.31 -15.60 23.22
CA SER A 136 -37.90 -15.18 24.46
C SER A 136 -36.99 -15.68 25.58
N GLU A 137 -37.12 -15.10 26.78
CA GLU A 137 -36.30 -15.50 27.89
C GLU A 137 -36.61 -16.90 28.28
N SER A 138 -37.89 -17.23 28.20
CA SER A 138 -38.19 -18.61 28.56
C SER A 138 -37.68 -19.64 27.54
N LEU A 139 -37.78 -19.29 26.26
CA LEU A 139 -37.32 -20.19 25.24
C LEU A 139 -35.79 -20.23 25.29
N PHE A 140 -35.27 -19.13 25.80
CA PHE A 140 -33.85 -19.00 25.98
C PHE A 140 -33.48 -20.06 27.00
N ARG A 141 -34.18 -20.03 28.13
CA ARG A 141 -33.92 -20.99 29.16
C ARG A 141 -34.12 -22.41 28.70
N GLU A 142 -35.12 -22.63 27.86
CA GLU A 142 -35.32 -23.99 27.37
C GLU A 142 -34.16 -24.44 26.53
N ALA A 143 -33.64 -23.53 25.68
CA ALA A 143 -32.50 -23.87 24.86
C ALA A 143 -31.28 -24.26 25.68
N VAL A 144 -30.95 -23.46 26.70
CA VAL A 144 -29.79 -23.79 27.58
C VAL A 144 -29.89 -25.16 28.18
N ALA A 145 -31.06 -25.47 28.76
CA ALA A 145 -31.23 -26.79 29.35
C ALA A 145 -31.02 -27.90 28.35
N ASP A 146 -31.35 -27.65 27.08
CA ASP A 146 -31.17 -28.63 26.04
C ASP A 146 -29.68 -28.65 25.64
N ILE A 147 -29.09 -27.46 25.53
CA ILE A 147 -27.69 -27.35 25.12
C ILE A 147 -26.75 -27.82 26.22
N GLY A 148 -27.03 -27.35 27.42
CA GLY A 148 -26.22 -27.69 28.57
C GLY A 148 -25.10 -26.67 28.79
N TYR A 149 -24.35 -26.90 29.88
CA TYR A 149 -23.26 -26.05 30.33
C TYR A 149 -21.92 -26.71 30.21
N PRO A 150 -20.91 -25.90 29.93
CA PRO A 150 -21.16 -24.51 29.72
C PRO A 150 -21.68 -24.26 28.28
N CYS A 151 -22.18 -23.04 28.01
CA CYS A 151 -22.65 -22.71 26.68
C CYS A 151 -22.48 -21.23 26.50
N ILE A 152 -22.60 -20.79 25.25
CA ILE A 152 -22.41 -19.39 24.96
C ILE A 152 -23.64 -18.88 24.30
N VAL A 153 -24.14 -17.76 24.81
CA VAL A 153 -25.31 -17.13 24.23
C VAL A 153 -24.83 -15.88 23.49
N LYS A 154 -25.40 -15.72 22.28
CA LYS A 154 -25.07 -14.58 21.42
C LYS A 154 -26.29 -14.01 20.67
N PRO A 155 -26.35 -12.68 20.53
CA PRO A 155 -27.42 -12.04 19.75
C PRO A 155 -27.20 -12.47 18.31
N VAL A 156 -28.29 -12.66 17.54
CA VAL A 156 -28.15 -13.14 16.15
C VAL A 156 -27.51 -12.13 15.21
N MET A 157 -27.63 -10.85 15.61
CA MET A 157 -27.02 -9.78 14.84
C MET A 157 -25.94 -9.09 15.67
N SER A 158 -24.68 -9.52 15.49
CA SER A 158 -23.59 -8.97 16.29
C SER A 158 -22.23 -9.35 15.77
N SER A 159 -21.21 -8.75 16.36
CA SER A 159 -19.83 -8.97 15.99
C SER A 159 -18.91 -8.51 17.11
N SER A 160 -17.66 -8.88 16.99
CA SER A 160 -16.65 -8.55 17.97
C SER A 160 -17.17 -8.80 19.38
N GLY A 161 -17.64 -10.04 19.59
CA GLY A 161 -18.19 -10.60 20.83
C GLY A 161 -19.12 -9.72 21.71
N LYS A 162 -19.93 -8.84 21.10
CA LYS A 162 -20.86 -7.91 21.76
C LYS A 162 -22.14 -8.57 22.33
N GLY A 163 -22.37 -8.48 23.66
CA GLY A 163 -23.53 -9.06 24.29
C GLY A 163 -23.47 -10.59 24.43
N GLN A 164 -22.26 -11.14 24.33
CA GLN A 164 -22.10 -12.59 24.43
C GLN A 164 -21.68 -12.94 25.83
N THR A 165 -22.13 -14.09 26.30
CA THR A 165 -21.85 -14.60 27.63
C THR A 165 -21.42 -16.08 27.62
N PHE A 166 -20.30 -16.36 28.28
CA PHE A 166 -19.87 -17.70 28.37
C PHE A 166 -20.57 -18.20 29.60
N ILE A 167 -21.67 -18.95 29.44
CA ILE A 167 -22.44 -19.43 30.56
C ILE A 167 -21.97 -20.76 31.12
N ARG A 168 -21.63 -20.68 32.41
CA ARG A 168 -21.18 -21.86 33.10
C ARG A 168 -22.24 -22.46 33.98
N SER A 169 -23.26 -21.67 34.35
CA SER A 169 -24.31 -22.15 35.21
C SER A 169 -25.58 -21.31 35.14
N ALA A 170 -26.58 -21.90 35.77
CA ALA A 170 -27.90 -21.31 35.83
C ALA A 170 -27.91 -19.96 36.46
N GLU A 171 -26.95 -19.71 37.34
CA GLU A 171 -26.91 -18.40 38.00
C GLU A 171 -26.90 -17.28 36.97
N GLN A 172 -26.03 -17.46 35.98
CA GLN A 172 -25.90 -16.45 34.94
C GLN A 172 -27.09 -16.26 33.97
N LEU A 173 -28.07 -17.16 34.00
CA LEU A 173 -29.15 -17.10 33.07
C LEU A 173 -29.79 -15.77 32.88
N ALA A 174 -30.12 -15.19 34.01
CA ALA A 174 -30.76 -13.91 33.92
C ALA A 174 -29.93 -12.79 33.30
N GLN A 175 -28.74 -12.62 33.84
CA GLN A 175 -27.91 -11.56 33.33
C GLN A 175 -27.53 -11.84 31.90
N ALA A 176 -27.28 -13.12 31.62
CA ALA A 176 -26.89 -13.48 30.28
C ALA A 176 -27.90 -13.00 29.27
N TRP A 177 -29.18 -13.31 29.55
CA TRP A 177 -30.28 -12.91 28.71
C TRP A 177 -30.37 -11.39 28.57
N LYS A 178 -30.26 -10.72 29.71
CA LYS A 178 -30.35 -9.29 29.65
C LYS A 178 -29.25 -8.75 28.76
N TYR A 179 -27.99 -9.04 29.11
CA TYR A 179 -26.89 -8.54 28.30
C TYR A 179 -27.07 -8.88 26.83
N ALA A 180 -27.65 -10.05 26.55
CA ALA A 180 -27.83 -10.43 25.16
C ALA A 180 -28.83 -9.51 24.49
N GLN A 181 -29.80 -9.07 25.25
CA GLN A 181 -30.81 -8.19 24.69
C GLN A 181 -30.25 -6.80 24.36
N GLN A 182 -29.14 -6.50 25.05
CA GLN A 182 -28.42 -5.26 24.90
C GLN A 182 -27.63 -5.13 23.60
N GLY A 183 -27.03 -6.22 23.09
CA GLY A 183 -26.25 -6.20 21.84
C GLY A 183 -27.19 -6.41 20.60
N GLY A 189 -33.60 -8.62 20.39
CA GLY A 189 -34.39 -9.80 20.06
C GLY A 189 -33.78 -11.22 20.19
N ARG A 190 -33.81 -11.95 19.06
CA ARG A 190 -33.33 -13.33 18.92
C ARG A 190 -31.89 -13.57 19.24
N VAL A 191 -31.66 -14.72 19.89
CA VAL A 191 -30.36 -15.14 20.29
C VAL A 191 -30.00 -16.55 19.81
N ILE A 192 -28.71 -16.87 19.86
CA ILE A 192 -28.21 -18.18 19.55
C ILE A 192 -27.61 -18.76 20.82
N VAL A 193 -27.86 -20.04 21.07
CA VAL A 193 -27.21 -20.61 22.23
C VAL A 193 -26.32 -21.70 21.66
N GLU A 194 -24.97 -21.55 21.81
CA GLU A 194 -24.14 -22.63 21.26
C GLU A 194 -23.44 -23.48 22.29
N GLY A 195 -23.24 -24.72 21.94
CA GLY A 195 -22.46 -25.61 22.81
C GLY A 195 -20.99 -25.17 22.78
N VAL A 196 -20.26 -25.27 23.90
CA VAL A 196 -18.85 -24.87 23.94
C VAL A 196 -17.94 -25.88 23.28
N VAL A 197 -17.22 -25.50 22.21
CA VAL A 197 -16.29 -26.39 21.54
C VAL A 197 -14.92 -26.23 22.21
N LYS A 198 -14.34 -27.33 22.66
CA LYS A 198 -13.01 -27.14 23.22
C LYS A 198 -11.92 -27.49 22.17
N PHE A 199 -11.48 -26.46 21.44
CA PHE A 199 -10.52 -26.68 20.40
C PHE A 199 -9.12 -26.46 20.85
N ASP A 200 -8.20 -26.98 20.06
CA ASP A 200 -6.81 -26.81 20.45
C ASP A 200 -6.47 -25.36 20.19
N PHE A 201 -6.94 -24.89 19.05
CA PHE A 201 -6.70 -23.54 18.60
C PHE A 201 -7.75 -23.18 17.53
N GLU A 202 -7.93 -21.89 17.21
CA GLU A 202 -8.86 -21.46 16.15
C GLU A 202 -8.07 -20.71 15.09
N ILE A 203 -8.60 -20.78 13.87
CA ILE A 203 -7.96 -20.10 12.73
C ILE A 203 -8.98 -19.34 11.93
N THR A 204 -8.42 -18.54 11.03
CA THR A 204 -9.16 -17.82 10.04
C THR A 204 -8.52 -18.33 8.77
N LEU A 205 -9.29 -19.01 7.93
CA LEU A 205 -8.71 -19.49 6.71
C LEU A 205 -9.18 -18.52 5.63
N LEU A 206 -8.31 -17.62 5.15
CA LEU A 206 -8.64 -16.62 4.12
C LEU A 206 -8.68 -17.29 2.75
N THR A 207 -9.93 -17.39 2.30
CA THR A 207 -10.30 -18.08 1.08
C THR A 207 -10.76 -17.13 -0.03
N VAL A 208 -10.05 -17.26 -1.14
CA VAL A 208 -10.36 -16.46 -2.28
C VAL A 208 -11.06 -17.22 -3.43
N SER A 209 -12.28 -16.78 -3.76
CA SER A 209 -13.07 -17.32 -4.86
C SER A 209 -12.83 -16.32 -6.02
N ALA A 210 -12.16 -16.80 -7.06
CA ALA A 210 -11.78 -15.99 -8.21
C ALA A 210 -12.10 -16.71 -9.50
N VAL A 211 -11.88 -15.95 -10.55
CA VAL A 211 -12.16 -16.47 -11.86
C VAL A 211 -11.40 -17.77 -12.15
N ASP A 212 -10.24 -17.88 -11.52
CA ASP A 212 -9.40 -19.06 -11.70
C ASP A 212 -9.55 -20.06 -10.55
N GLY A 213 -10.69 -20.04 -9.84
CA GLY A 213 -10.84 -21.02 -8.76
C GLY A 213 -10.78 -20.45 -7.36
N VAL A 214 -10.68 -21.37 -6.40
CA VAL A 214 -10.63 -21.12 -4.97
C VAL A 214 -9.19 -21.33 -4.52
N HIS A 215 -8.67 -20.28 -3.92
CA HIS A 215 -7.31 -20.27 -3.43
C HIS A 215 -7.33 -20.11 -1.94
N PHE A 216 -6.31 -20.65 -1.31
CA PHE A 216 -6.26 -20.52 0.14
C PHE A 216 -5.01 -19.79 0.64
N CYS A 217 -5.15 -18.83 1.60
CA CYS A 217 -3.92 -18.29 2.18
C CYS A 217 -3.48 -19.30 3.24
N ALA A 218 -2.21 -19.29 3.68
CA ALA A 218 -1.78 -20.20 4.72
C ALA A 218 -2.66 -19.87 5.99
N PRO A 219 -2.97 -20.86 6.84
CA PRO A 219 -3.85 -20.65 7.99
C PRO A 219 -3.36 -19.54 8.92
N VAL A 220 -4.33 -18.74 9.39
CA VAL A 220 -3.97 -17.64 10.31
C VAL A 220 -4.50 -18.03 11.67
N GLY A 221 -3.62 -18.09 12.70
CA GLY A 221 -4.10 -18.38 14.07
C GLY A 221 -4.39 -17.02 14.75
N HIS A 222 -5.23 -17.03 15.78
CA HIS A 222 -5.49 -15.79 16.47
C HIS A 222 -5.95 -16.10 17.86
N ARG A 223 -5.74 -15.08 18.65
CA ARG A 223 -6.07 -15.02 20.03
C ARG A 223 -7.11 -13.91 20.24
N GLN A 224 -8.29 -14.31 20.81
CA GLN A 224 -9.46 -13.47 21.12
C GLN A 224 -9.53 -13.10 22.58
N GLU A 225 -9.97 -11.89 22.84
CA GLU A 225 -10.11 -11.52 24.23
C GLU A 225 -11.18 -10.48 24.36
N ASP A 226 -12.27 -10.85 25.03
CA ASP A 226 -13.36 -9.92 25.27
C ASP A 226 -13.97 -9.37 23.99
N GLY A 227 -14.20 -10.27 23.03
CA GLY A 227 -14.81 -9.75 21.80
C GLY A 227 -13.87 -9.24 20.74
N ASP A 228 -12.62 -8.97 21.13
CA ASP A 228 -11.67 -8.52 20.16
C ASP A 228 -10.50 -9.45 19.90
N TYR A 229 -10.06 -9.54 18.65
CA TYR A 229 -8.86 -10.31 18.37
C TYR A 229 -7.75 -9.38 18.84
N ARG A 230 -6.73 -9.98 19.50
CA ARG A 230 -5.60 -9.27 20.07
C ARG A 230 -4.37 -9.54 19.26
N GLU A 231 -4.12 -10.78 18.91
CA GLU A 231 -2.98 -11.03 18.08
C GLU A 231 -3.40 -12.06 17.05
N SER A 232 -2.66 -12.11 15.90
CA SER A 232 -2.90 -13.08 14.83
C SER A 232 -1.55 -13.40 14.27
N TRP A 233 -1.41 -14.57 13.67
CA TRP A 233 -0.08 -14.92 13.20
C TRP A 233 -0.20 -15.89 12.04
N GLN A 234 0.87 -16.06 11.27
CA GLN A 234 0.74 -16.96 10.14
C GLN A 234 2.14 -17.39 9.80
N PRO A 235 2.27 -18.62 9.42
CA PRO A 235 1.21 -19.61 9.39
C PRO A 235 1.00 -20.25 10.78
N GLN A 236 -0.22 -20.69 11.02
CA GLN A 236 -0.49 -21.42 12.25
C GLN A 236 -0.24 -22.89 11.86
N GLN A 237 0.57 -23.62 12.61
CA GLN A 237 0.79 -25.04 12.31
C GLN A 237 -0.45 -25.89 12.58
N MET A 238 -0.69 -26.83 11.64
CA MET A 238 -1.80 -27.81 11.68
C MET A 238 -1.41 -29.10 10.94
N SER A 239 -2.00 -30.21 11.32
CA SER A 239 -1.65 -31.41 10.60
C SER A 239 -2.13 -31.29 9.17
N PRO A 240 -1.55 -32.11 8.30
CA PRO A 240 -1.93 -32.13 6.89
C PRO A 240 -3.43 -32.42 6.69
N LEU A 241 -3.90 -33.38 7.49
CA LEU A 241 -5.31 -33.79 7.48
C LEU A 241 -6.25 -32.70 7.92
N ALA A 242 -5.87 -31.99 8.97
CA ALA A 242 -6.69 -30.88 9.47
C ALA A 242 -6.68 -29.81 8.38
N LEU A 243 -5.52 -29.53 7.79
CA LEU A 243 -5.47 -28.51 6.76
C LEU A 243 -6.36 -28.91 5.58
N GLU A 244 -6.28 -30.14 5.16
CA GLU A 244 -7.17 -30.53 4.08
C GLU A 244 -8.69 -30.36 4.40
N ARG A 245 -9.11 -30.83 5.61
CA ARG A 245 -10.49 -30.77 6.02
C ARG A 245 -10.90 -29.32 6.12
N ALA A 246 -9.98 -28.50 6.60
CA ALA A 246 -10.28 -27.07 6.71
C ALA A 246 -10.45 -26.45 5.32
N GLN A 247 -9.62 -26.84 4.37
CA GLN A 247 -9.81 -26.27 3.05
C GLN A 247 -11.07 -26.81 2.43
N GLU A 248 -11.42 -28.07 2.69
CA GLU A 248 -12.67 -28.56 2.09
C GLU A 248 -13.88 -27.81 2.64
N ILE A 249 -13.80 -27.52 3.93
CA ILE A 249 -14.92 -26.82 4.52
C ILE A 249 -15.00 -25.42 3.89
N ALA A 250 -13.88 -24.73 3.87
CA ALA A 250 -13.87 -23.37 3.35
C ALA A 250 -14.32 -23.27 1.90
N ARG A 251 -13.87 -24.22 1.07
CA ARG A 251 -14.26 -24.17 -0.32
C ARG A 251 -15.80 -24.32 -0.45
N LYS A 252 -16.38 -25.24 0.32
CA LYS A 252 -17.82 -25.47 0.29
C LYS A 252 -18.58 -24.23 0.70
N VAL A 253 -18.15 -23.65 1.79
CA VAL A 253 -18.93 -22.52 2.21
C VAL A 253 -18.84 -21.35 1.26
N VAL A 254 -17.65 -21.06 0.72
CA VAL A 254 -17.56 -19.91 -0.16
C VAL A 254 -18.35 -20.08 -1.42
N LEU A 255 -18.26 -21.29 -1.98
CA LEU A 255 -19.00 -21.54 -3.22
C LEU A 255 -20.47 -21.49 -2.92
N ALA A 256 -20.85 -22.06 -1.79
CA ALA A 256 -22.25 -22.03 -1.42
C ALA A 256 -22.73 -20.57 -1.34
N LEU A 257 -21.94 -19.69 -0.67
CA LEU A 257 -22.32 -18.28 -0.52
C LEU A 257 -22.33 -17.57 -1.90
N GLY A 258 -21.40 -17.95 -2.78
CA GLY A 258 -21.34 -17.43 -4.14
C GLY A 258 -20.65 -16.08 -4.34
N GLY A 259 -20.13 -15.92 -5.58
CA GLY A 259 -19.44 -14.70 -6.02
C GLY A 259 -17.93 -14.67 -5.80
N TYR A 260 -17.25 -13.72 -6.50
CA TYR A 260 -15.83 -13.61 -6.39
C TYR A 260 -15.50 -12.62 -5.27
N GLY A 261 -14.46 -12.96 -4.50
CA GLY A 261 -13.98 -12.16 -3.35
C GLY A 261 -13.19 -13.05 -2.38
N LEU A 262 -12.68 -12.33 -1.38
CA LEU A 262 -11.96 -13.02 -0.30
C LEU A 262 -12.92 -13.20 0.86
N PHE A 263 -12.87 -14.42 1.42
CA PHE A 263 -13.71 -14.68 2.54
C PHE A 263 -12.86 -15.09 3.74
N GLY A 264 -13.35 -14.72 4.93
CA GLY A 264 -12.66 -15.04 6.18
C GLY A 264 -13.34 -16.19 6.89
N VAL A 265 -12.95 -17.43 6.58
CA VAL A 265 -13.54 -18.63 7.18
C VAL A 265 -12.96 -18.93 8.58
N GLU A 266 -13.81 -18.77 9.62
CA GLU A 266 -13.44 -19.02 11.03
C GLU A 266 -13.70 -20.47 11.37
N LEU A 267 -12.63 -21.15 11.85
CA LEU A 267 -12.65 -22.58 12.19
C LEU A 267 -12.00 -22.86 13.51
N PHE A 268 -12.49 -23.92 14.13
CA PHE A 268 -11.93 -24.41 15.38
C PHE A 268 -11.26 -25.70 15.01
N VAL A 269 -10.07 -25.89 15.59
CA VAL A 269 -9.28 -27.06 15.28
C VAL A 269 -9.04 -27.89 16.51
N CYS A 270 -9.39 -29.18 16.39
CA CYS A 270 -9.20 -30.16 17.50
C CYS A 270 -8.35 -31.30 16.94
N GLY A 271 -7.02 -31.12 16.99
CA GLY A 271 -6.09 -32.09 16.46
C GLY A 271 -6.26 -32.17 14.96
N ASP A 272 -6.79 -33.32 14.44
CA ASP A 272 -7.03 -33.46 13.01
C ASP A 272 -8.44 -33.06 12.58
N GLU A 273 -9.32 -32.76 13.55
CA GLU A 273 -10.68 -32.37 13.26
C GLU A 273 -10.84 -30.84 13.19
N VAL A 274 -11.75 -30.42 12.28
CA VAL A 274 -12.02 -29.02 12.03
C VAL A 274 -13.50 -28.68 12.15
N ILE A 275 -13.83 -27.59 12.86
CA ILE A 275 -15.27 -27.30 13.03
C ILE A 275 -15.52 -25.89 12.56
N PHE A 276 -16.62 -25.75 11.80
CA PHE A 276 -16.96 -24.49 11.25
C PHE A 276 -17.61 -23.59 12.30
N SER A 277 -17.20 -22.31 12.42
CA SER A 277 -17.78 -21.34 13.36
C SER A 277 -18.63 -20.31 12.64
N GLU A 278 -18.02 -19.52 11.76
CA GLU A 278 -18.73 -18.51 11.02
C GLU A 278 -17.87 -18.06 9.86
N VAL A 279 -18.32 -17.08 9.06
CA VAL A 279 -17.57 -16.60 7.89
C VAL A 279 -17.80 -15.16 7.52
N SER A 280 -16.71 -14.42 7.23
CA SER A 280 -16.88 -13.02 6.78
C SER A 280 -16.83 -13.10 5.24
N PRO A 281 -17.87 -12.58 4.56
CA PRO A 281 -17.90 -12.64 3.07
C PRO A 281 -17.09 -11.47 2.60
N ARG A 282 -15.86 -11.38 3.12
CA ARG A 282 -15.02 -10.26 2.84
C ARG A 282 -13.78 -10.37 3.71
N PRO A 283 -12.80 -9.44 3.57
CA PRO A 283 -11.60 -9.46 4.41
C PRO A 283 -12.00 -9.40 5.89
N HIS A 284 -11.17 -10.06 6.73
CA HIS A 284 -11.25 -10.27 8.19
C HIS A 284 -10.17 -9.53 8.98
N ASP A 285 -10.50 -8.96 10.11
CA ASP A 285 -9.50 -8.22 10.84
C ASP A 285 -8.28 -9.05 11.16
N THR A 286 -8.50 -10.32 11.54
CA THR A 286 -7.32 -11.17 11.86
C THR A 286 -6.37 -11.30 10.66
N GLY A 287 -6.88 -11.12 9.44
CA GLY A 287 -6.09 -11.23 8.24
C GLY A 287 -5.15 -10.05 7.98
N MET A 288 -5.20 -9.06 8.90
CA MET A 288 -4.31 -7.91 8.76
C MET A 288 -2.82 -8.31 8.78
N VAL A 289 -2.52 -9.50 9.32
CA VAL A 289 -1.15 -9.99 9.36
C VAL A 289 -0.61 -10.07 7.93
N THR A 290 -1.53 -10.24 6.98
CA THR A 290 -1.16 -10.40 5.55
C THR A 290 -0.62 -9.14 4.95
N LEU A 291 -0.75 -8.06 5.71
CA LEU A 291 -0.22 -6.79 5.26
C LEU A 291 1.29 -6.87 5.31
N ILE A 292 1.90 -7.82 6.06
CA ILE A 292 3.34 -7.94 6.09
C ILE A 292 3.77 -9.34 5.59
N SER A 293 2.87 -10.32 5.70
CA SER A 293 3.26 -11.69 5.47
C SER A 293 3.11 -12.33 4.12
N GLN A 294 2.48 -11.58 3.24
CA GLN A 294 2.26 -12.05 1.87
C GLN A 294 2.61 -10.99 0.82
N ASP A 295 2.86 -11.46 -0.41
CA ASP A 295 3.12 -10.58 -1.56
C ASP A 295 1.83 -9.79 -1.77
N LEU A 296 0.70 -10.49 -1.72
CA LEU A 296 -0.66 -9.90 -1.90
C LEU A 296 -1.42 -9.91 -0.58
N SER A 297 -1.75 -8.75 0.00
CA SER A 297 -2.51 -8.75 1.25
C SER A 297 -3.93 -9.27 0.95
N GLU A 298 -4.67 -9.59 2.02
CA GLU A 298 -6.07 -10.06 1.86
C GLU A 298 -6.92 -9.04 1.15
N PHE A 299 -6.50 -7.79 1.30
CA PHE A 299 -7.15 -6.66 0.63
C PHE A 299 -6.83 -6.66 -0.85
N ALA A 300 -5.55 -6.84 -1.20
CA ALA A 300 -5.14 -6.87 -2.59
C ALA A 300 -5.86 -8.05 -3.21
N LEU A 301 -5.94 -9.16 -2.46
CA LEU A 301 -6.62 -10.34 -2.99
C LEU A 301 -8.13 -10.13 -3.25
N HIS A 302 -8.80 -9.51 -2.30
CA HIS A 302 -10.22 -9.34 -2.49
C HIS A 302 -10.49 -8.56 -3.79
N VAL A 303 -9.72 -7.48 -3.97
CA VAL A 303 -9.85 -6.60 -5.14
C VAL A 303 -9.57 -7.34 -6.42
N ARG A 304 -8.48 -8.10 -6.42
CA ARG A 304 -8.10 -8.88 -7.61
C ARG A 304 -9.26 -9.77 -8.01
N ALA A 305 -9.74 -10.49 -7.02
CA ALA A 305 -10.88 -11.40 -7.22
C ALA A 305 -12.19 -10.77 -7.74
N PHE A 306 -12.72 -9.78 -7.02
CA PHE A 306 -13.99 -9.17 -7.39
C PHE A 306 -13.91 -8.42 -8.71
N LEU A 307 -12.69 -8.00 -9.14
CA LEU A 307 -12.51 -7.31 -10.45
C LEU A 307 -12.54 -8.35 -11.57
N GLY A 308 -12.55 -9.63 -11.18
CA GLY A 308 -12.64 -10.68 -12.16
C GLY A 308 -11.30 -11.15 -12.66
N LEU A 309 -10.23 -10.70 -12.02
CA LEU A 309 -8.90 -11.09 -12.45
C LEU A 309 -8.49 -12.42 -11.80
N PRO A 310 -7.56 -13.15 -12.41
CA PRO A 310 -7.15 -14.40 -11.79
C PRO A 310 -6.18 -14.14 -10.64
N VAL A 311 -6.29 -15.01 -9.60
CA VAL A 311 -5.32 -14.86 -8.51
C VAL A 311 -3.95 -15.42 -8.89
N GLY A 312 -3.98 -16.60 -9.53
CA GLY A 312 -2.69 -17.20 -9.88
C GLY A 312 -2.09 -17.90 -8.67
N GLY A 313 -1.72 -17.10 -7.69
CA GLY A 313 -1.20 -17.68 -6.46
C GLY A 313 -0.78 -16.62 -5.47
N ILE A 314 -0.54 -17.10 -4.24
CA ILE A 314 -0.16 -16.29 -3.11
C ILE A 314 1.14 -16.65 -2.48
N ARG A 315 1.98 -15.62 -2.30
CA ARG A 315 3.25 -15.92 -1.68
C ARG A 315 3.26 -15.60 -0.18
N GLN A 316 3.73 -16.53 0.64
CA GLN A 316 3.83 -16.32 2.09
C GLN A 316 5.31 -16.17 2.44
N TYR A 317 5.63 -15.06 3.10
CA TYR A 317 7.04 -14.82 3.36
C TYR A 317 7.70 -15.44 4.59
N GLY A 318 7.02 -16.27 5.34
CA GLY A 318 7.63 -16.84 6.56
C GLY A 318 6.84 -16.36 7.79
N PRO A 319 7.25 -16.80 8.97
CA PRO A 319 6.55 -16.44 10.18
C PRO A 319 6.32 -14.96 10.44
N ALA A 320 5.06 -14.64 10.74
CA ALA A 320 4.64 -13.28 11.00
C ALA A 320 3.44 -13.19 11.95
N ALA A 321 3.22 -11.96 12.44
CA ALA A 321 2.13 -11.71 13.37
C ALA A 321 1.69 -10.26 13.34
N SER A 322 0.47 -10.05 13.82
CA SER A 322 -0.13 -8.73 13.98
C SER A 322 -0.52 -8.64 15.46
N ALA A 323 -0.57 -7.44 16.01
CA ALA A 323 -0.95 -7.21 17.39
C ALA A 323 -1.70 -5.90 17.37
N VAL A 324 -2.93 -5.89 17.89
CA VAL A 324 -3.65 -4.64 17.84
C VAL A 324 -3.19 -3.54 18.81
N ILE A 325 -3.47 -2.30 18.39
CA ILE A 325 -3.24 -1.10 19.18
C ILE A 325 -4.68 -0.73 19.61
N LEU A 326 -5.06 -1.19 20.83
CA LEU A 326 -6.44 -1.03 21.34
C LEU A 326 -6.49 -0.32 22.66
N PRO A 327 -6.38 1.01 22.60
CA PRO A 327 -6.42 1.82 23.79
C PRO A 327 -7.86 2.03 24.27
N GLN A 328 -7.90 2.66 25.42
CA GLN A 328 -9.20 2.95 25.99
C GLN A 328 -9.19 4.39 26.51
N LEU A 329 -9.92 5.23 25.86
CA LEU A 329 -9.95 6.61 26.22
C LEU A 329 -11.10 7.27 25.52
N THR A 330 -11.27 8.55 25.75
CA THR A 330 -12.31 9.36 25.13
C THR A 330 -11.59 10.56 24.56
N SER A 331 -11.63 10.65 23.25
CA SER A 331 -10.91 11.76 22.65
C SER A 331 -11.33 11.84 21.22
N GLN A 332 -11.16 13.04 20.71
CA GLN A 332 -11.43 13.40 19.32
C GLN A 332 -10.15 13.99 18.74
N ASN A 333 -8.97 13.72 19.37
CA ASN A 333 -7.72 14.27 18.91
C ASN A 333 -6.61 13.41 19.44
N VAL A 334 -6.69 12.19 19.05
CA VAL A 334 -5.73 11.20 19.49
C VAL A 334 -4.36 11.39 18.84
N THR A 335 -3.32 11.21 19.66
CA THR A 335 -1.95 11.29 19.21
C THR A 335 -1.22 10.00 19.60
N PHE A 336 -0.12 9.70 18.88
CA PHE A 336 0.65 8.52 19.10
C PHE A 336 2.12 8.90 19.27
N ASP A 337 2.66 8.68 20.46
CA ASP A 337 4.06 8.96 20.76
C ASP A 337 4.95 7.70 20.86
N ASN A 338 6.30 7.92 20.96
CA ASN A 338 7.24 6.78 21.09
C ASN A 338 7.16 5.85 19.87
N VAL A 339 6.75 6.44 18.75
CA VAL A 339 6.63 5.72 17.49
C VAL A 339 7.99 5.13 17.03
N GLN A 340 9.08 5.83 17.40
CA GLN A 340 10.45 5.39 17.05
C GLN A 340 10.83 4.09 17.71
N ASN A 341 10.01 3.67 18.65
CA ASN A 341 10.26 2.43 19.34
C ASN A 341 9.23 1.38 19.05
N ALA A 342 8.42 1.61 18.04
CA ALA A 342 7.42 0.65 17.63
C ALA A 342 7.67 0.12 16.19
N VAL A 343 8.67 0.66 15.50
CA VAL A 343 9.00 0.22 14.16
C VAL A 343 10.51 -0.02 14.10
N GLY A 344 10.93 -0.83 13.12
CA GLY A 344 12.35 -1.07 12.96
C GLY A 344 12.57 -2.29 12.07
N ALA A 345 13.68 -3.00 12.29
CA ALA A 345 13.89 -4.16 11.47
C ALA A 345 12.79 -5.21 11.70
N ASP A 346 12.14 -5.55 10.60
CA ASP A 346 11.09 -6.58 10.59
C ASP A 346 9.94 -6.22 11.47
N LEU A 347 9.69 -4.93 11.56
CA LEU A 347 8.68 -4.37 12.44
C LEU A 347 8.09 -3.07 11.85
N GLN A 348 6.72 -3.04 11.75
CA GLN A 348 5.95 -1.93 11.19
C GLN A 348 4.70 -1.74 11.98
N ILE A 349 4.10 -0.61 11.71
CA ILE A 349 2.84 -0.28 12.32
C ILE A 349 1.96 0.37 11.25
N ARG A 350 0.65 0.37 11.56
CA ARG A 350 -0.42 1.00 10.73
C ARG A 350 -1.23 1.83 11.73
N LEU A 351 -1.49 3.11 11.42
CA LEU A 351 -2.33 3.95 12.29
C LEU A 351 -3.52 4.29 11.40
N PHE A 352 -4.73 3.87 11.82
CA PHE A 352 -5.90 4.01 11.00
C PHE A 352 -6.53 5.36 10.60
N GLY A 353 -6.19 6.42 11.32
CA GLY A 353 -6.81 7.71 11.00
C GLY A 353 -8.25 7.88 11.57
N LYS A 354 -8.73 7.03 12.53
CA LYS A 354 -10.07 7.13 13.13
C LYS A 354 -10.17 8.49 13.85
N PRO A 355 -11.25 9.25 13.54
CA PRO A 355 -11.47 10.58 14.06
C PRO A 355 -11.68 10.72 15.58
N GLU A 356 -12.20 9.66 16.23
CA GLU A 356 -12.43 9.72 17.68
C GLU A 356 -12.57 8.40 18.42
N ILE A 357 -12.52 8.44 19.75
CA ILE A 357 -12.68 7.22 20.45
C ILE A 357 -13.46 7.56 21.69
N ASP A 358 -14.19 6.57 22.16
CA ASP A 358 -14.95 6.79 23.40
C ASP A 358 -15.07 5.47 24.14
N GLY A 359 -13.94 5.09 24.73
CA GLY A 359 -13.76 3.84 25.42
C GLY A 359 -12.70 3.06 24.65
N SER A 360 -12.89 1.73 24.48
CA SER A 360 -11.95 0.82 23.81
C SER A 360 -12.24 0.75 22.31
N ARG A 361 -11.20 0.89 21.49
CA ARG A 361 -11.37 0.88 20.05
C ARG A 361 -10.01 0.63 19.40
N ARG A 362 -10.00 -0.19 18.36
CA ARG A 362 -8.78 -0.50 17.67
C ARG A 362 -8.38 0.70 16.83
N LEU A 363 -7.32 1.35 17.25
CA LEU A 363 -6.88 2.49 16.47
C LEU A 363 -5.69 2.21 15.51
N GLY A 364 -5.07 1.03 15.61
CA GLY A 364 -3.95 0.74 14.71
C GLY A 364 -3.57 -0.70 14.93
N VAL A 365 -2.47 -1.11 14.30
CA VAL A 365 -1.95 -2.44 14.47
C VAL A 365 -0.42 -2.45 14.25
N ALA A 366 0.30 -3.31 14.99
CA ALA A 366 1.74 -3.50 14.84
C ALA A 366 1.87 -4.83 14.07
N LEU A 367 2.86 -4.91 13.19
CA LEU A 367 3.13 -6.12 12.35
C LEU A 367 4.63 -6.48 12.45
N ALA A 368 4.96 -7.78 12.50
CA ALA A 368 6.37 -8.14 12.60
C ALA A 368 6.59 -9.49 11.93
N THR A 369 7.83 -9.81 11.53
CA THR A 369 8.18 -11.11 10.96
C THR A 369 9.34 -11.62 11.83
N ALA A 370 9.57 -12.92 11.88
CA ALA A 370 10.65 -13.47 12.71
C ALA A 370 10.86 -14.87 12.24
N GLU A 371 11.74 -15.58 12.92
CA GLU A 371 12.01 -16.95 12.49
C GLU A 371 11.00 -17.98 12.97
N SER A 372 10.08 -17.55 13.89
CA SER A 372 9.02 -18.41 14.42
C SER A 372 7.83 -17.50 14.73
N VAL A 373 6.63 -18.06 14.67
CA VAL A 373 5.45 -17.26 15.01
C VAL A 373 5.52 -16.79 16.45
N VAL A 374 6.13 -17.59 17.31
CA VAL A 374 6.26 -17.16 18.68
C VAL A 374 7.07 -15.87 18.80
N ASP A 375 8.25 -15.81 18.13
CA ASP A 375 9.01 -14.58 18.19
C ASP A 375 8.27 -13.43 17.49
N ALA A 376 7.57 -13.71 16.36
CA ALA A 376 6.86 -12.62 15.68
C ALA A 376 5.80 -11.93 16.57
N ILE A 377 5.06 -12.81 17.22
CA ILE A 377 3.98 -12.36 18.09
C ILE A 377 4.55 -11.53 19.24
N GLU A 378 5.65 -12.01 19.84
CA GLU A 378 6.18 -11.18 20.89
C GLU A 378 6.65 -9.80 20.41
N ARG A 379 7.34 -9.82 19.26
CA ARG A 379 7.86 -8.60 18.65
C ARG A 379 6.70 -7.66 18.36
N ALA A 380 5.62 -8.21 17.78
CA ALA A 380 4.45 -7.40 17.44
C ALA A 380 3.73 -6.87 18.68
N LYS A 381 3.57 -7.69 19.74
CA LYS A 381 2.88 -7.20 20.95
C LYS A 381 3.73 -6.16 21.57
N HIS A 382 5.02 -6.42 21.56
CA HIS A 382 5.91 -5.45 22.14
C HIS A 382 5.86 -4.07 21.50
N ALA A 383 5.89 -4.02 20.19
CA ALA A 383 5.79 -2.79 19.44
C ALA A 383 4.44 -2.08 19.69
N ALA A 384 3.33 -2.84 19.60
CA ALA A 384 2.03 -2.24 19.86
C ALA A 384 2.02 -1.56 21.22
N GLY A 385 2.65 -2.24 22.19
CA GLY A 385 2.72 -1.75 23.56
C GLY A 385 3.55 -0.49 23.71
N GLN A 386 4.55 -0.32 22.88
CA GLN A 386 5.39 0.85 22.97
C GLN A 386 4.69 2.12 22.59
N VAL A 387 3.69 1.99 21.76
CA VAL A 387 3.00 3.17 21.32
C VAL A 387 2.30 3.88 22.48
N LYS A 388 2.58 5.17 22.56
CA LYS A 388 2.00 5.98 23.63
C LYS A 388 0.78 6.74 23.13
N VAL A 389 -0.38 6.18 23.40
CA VAL A 389 -1.60 6.80 22.94
C VAL A 389 -2.14 7.83 23.90
N GLN A 390 -2.30 9.02 23.40
CA GLN A 390 -2.87 10.00 24.27
C GLN A 390 -3.90 10.77 23.51
N GLY A 391 -4.67 11.61 24.19
CA GLY A 391 -5.70 12.38 23.53
C GLY A 391 -6.41 13.34 24.46
N THR B 1 9.35 10.34 18.28
CA THR B 1 8.42 10.65 17.17
C THR B 1 6.97 10.58 17.60
N LEU B 2 6.28 11.73 17.44
CA LEU B 2 4.87 11.87 17.81
C LEU B 2 4.00 12.16 16.57
N LEU B 3 3.03 11.25 16.32
CA LEU B 3 2.17 11.47 15.18
C LEU B 3 0.77 11.80 15.63
N GLY B 4 0.16 12.82 14.99
CA GLY B 4 -1.24 13.14 15.33
C GLY B 4 -2.21 12.28 14.48
N THR B 5 -3.51 12.59 14.48
CA THR B 5 -4.46 11.82 13.69
C THR B 5 -4.87 12.71 12.51
N ALA B 6 -4.72 12.21 11.24
CA ALA B 6 -5.08 12.99 10.06
C ALA B 6 -6.44 13.65 10.22
N LEU B 7 -6.53 14.90 9.76
CA LEU B 7 -7.76 15.66 9.81
C LEU B 7 -8.11 16.15 11.20
N ARG B 8 -7.38 15.74 12.23
CA ARG B 8 -7.73 16.22 13.56
C ARG B 8 -6.78 17.37 13.81
N PRO B 9 -7.04 18.10 14.87
CA PRO B 9 -6.21 19.26 15.12
C PRO B 9 -4.75 18.95 15.33
N ALA B 10 -4.44 17.84 15.97
CA ALA B 10 -3.02 17.59 16.18
C ALA B 10 -2.44 16.81 15.02
N ALA B 11 -3.14 16.75 13.91
CA ALA B 11 -2.59 15.93 12.83
C ALA B 11 -1.21 16.28 12.38
N THR B 12 -0.44 15.28 11.90
CA THR B 12 0.88 15.53 11.32
C THR B 12 0.63 15.70 9.82
N ARG B 13 1.13 16.80 9.25
CA ARG B 13 0.91 17.10 7.85
C ARG B 13 2.11 17.08 6.94
N VAL B 14 1.91 16.37 5.85
CA VAL B 14 2.91 16.19 4.83
C VAL B 14 2.41 16.84 3.52
N MET B 15 3.22 17.75 2.96
CA MET B 15 2.91 18.36 1.70
C MET B 15 3.82 17.74 0.62
N LEU B 16 3.20 17.16 -0.42
CA LEU B 16 3.94 16.55 -1.53
C LEU B 16 4.06 17.54 -2.68
N LEU B 17 5.27 17.95 -3.10
CA LEU B 17 5.47 18.91 -4.20
C LEU B 17 5.86 18.03 -5.36
N GLY B 18 4.81 17.70 -6.09
CA GLY B 18 4.92 16.78 -7.23
C GLY B 18 4.04 15.60 -6.85
N SER B 19 3.02 15.32 -7.66
CA SER B 19 2.02 14.28 -7.45
C SER B 19 1.95 13.15 -8.50
N GLY B 20 3.08 12.71 -9.06
CA GLY B 20 3.08 11.61 -10.00
C GLY B 20 3.09 10.33 -9.19
N GLU B 21 3.34 9.22 -9.90
CA GLU B 21 3.31 7.86 -9.39
C GLU B 21 4.25 7.59 -8.23
N LEU B 22 5.30 8.36 -8.14
CA LEU B 22 6.22 8.15 -7.04
C LEU B 22 5.57 8.78 -5.83
N GLY B 23 5.15 10.03 -6.01
CA GLY B 23 4.46 10.74 -4.95
C GLY B 23 3.21 9.95 -4.51
N LYS B 24 2.54 9.27 -5.44
CA LYS B 24 1.34 8.47 -5.11
C LYS B 24 1.65 7.40 -4.08
N GLU B 25 2.79 6.72 -4.21
CA GLU B 25 3.14 5.69 -3.24
C GLU B 25 3.60 6.31 -1.91
N VAL B 26 4.24 7.48 -1.95
CA VAL B 26 4.64 8.07 -0.66
C VAL B 26 3.35 8.42 0.11
N ALA B 27 2.37 8.94 -0.66
CA ALA B 27 1.08 9.32 -0.12
C ALA B 27 0.41 8.13 0.55
N ILE B 28 0.41 6.97 -0.15
CA ILE B 28 -0.17 5.76 0.45
C ILE B 28 0.53 5.42 1.75
N GLU B 29 1.88 5.52 1.78
CA GLU B 29 2.64 5.16 3.01
C GLU B 29 2.35 6.17 4.13
N CYS B 30 2.11 7.45 3.80
CA CYS B 30 1.76 8.37 4.83
C CYS B 30 0.36 8.02 5.41
N GLN B 31 -0.57 7.72 4.49
CA GLN B 31 -1.94 7.37 4.82
C GLN B 31 -2.03 6.19 5.77
N ARG B 32 -1.16 5.21 5.51
CA ARG B 32 -1.02 4.02 6.35
C ARG B 32 -0.67 4.32 7.82
N LEU B 33 -0.01 5.43 8.07
CA LEU B 33 0.36 5.84 9.41
C LEU B 33 -0.56 6.95 9.89
N GLY B 34 -1.66 7.13 9.15
CA GLY B 34 -2.67 8.15 9.49
C GLY B 34 -2.14 9.57 9.42
N VAL B 35 -1.12 9.77 8.58
CA VAL B 35 -0.54 11.10 8.36
C VAL B 35 -1.38 11.82 7.28
N GLU B 36 -1.62 13.11 7.55
CA GLU B 36 -2.40 13.99 6.69
C GLU B 36 -1.62 14.35 5.42
N VAL B 37 -2.22 14.14 4.25
CA VAL B 37 -1.51 14.42 3.02
C VAL B 37 -2.19 15.48 2.15
N ILE B 38 -1.33 16.45 1.83
CA ILE B 38 -1.71 17.52 0.90
C ILE B 38 -0.86 17.35 -0.39
N ALA B 39 -1.50 16.98 -1.53
CA ALA B 39 -0.81 16.77 -2.83
C ALA B 39 -0.89 18.00 -3.75
N VAL B 40 0.28 18.47 -4.07
CA VAL B 40 0.44 19.61 -4.93
C VAL B 40 1.08 19.25 -6.28
N ASP B 41 0.66 19.95 -7.35
CA ASP B 41 1.20 19.70 -8.67
C ASP B 41 0.73 20.80 -9.59
N ARG B 42 1.17 20.71 -10.84
CA ARG B 42 0.84 21.73 -11.84
C ARG B 42 -0.40 21.42 -12.68
N TYR B 43 -1.04 20.29 -12.40
CA TYR B 43 -2.24 19.90 -13.10
C TYR B 43 -3.12 19.12 -12.14
N ALA B 44 -4.43 19.18 -12.42
CA ALA B 44 -5.45 18.54 -11.64
C ALA B 44 -5.50 17.04 -11.84
N ASP B 45 -5.91 16.38 -10.75
CA ASP B 45 -6.02 14.96 -10.76
C ASP B 45 -4.72 14.20 -10.98
N ALA B 46 -3.59 14.76 -10.54
CA ALA B 46 -2.33 14.03 -10.64
C ALA B 46 -2.47 12.77 -9.77
N PRO B 47 -1.87 11.65 -10.15
CA PRO B 47 -2.00 10.43 -9.36
C PRO B 47 -1.92 10.59 -7.83
N ALA B 48 -0.93 11.29 -7.24
CA ALA B 48 -0.87 11.43 -5.77
C ALA B 48 -2.11 12.09 -5.16
N MET B 49 -2.74 12.92 -5.95
CA MET B 49 -3.92 13.59 -5.45
C MET B 49 -5.11 12.64 -5.25
N HIS B 50 -5.13 11.53 -6.01
CA HIS B 50 -6.25 10.63 -5.88
C HIS B 50 -6.27 10.03 -4.51
N VAL B 51 -5.08 9.94 -3.91
CA VAL B 51 -4.95 9.30 -2.62
C VAL B 51 -4.63 10.26 -1.50
N ALA B 52 -4.68 11.54 -1.79
CA ALA B 52 -4.35 12.48 -0.73
C ALA B 52 -5.60 12.96 -0.03
N HIS B 53 -5.49 13.71 1.07
CA HIS B 53 -6.68 14.23 1.74
C HIS B 53 -7.25 15.43 0.96
N ARG B 54 -6.35 16.21 0.45
CA ARG B 54 -6.69 17.37 -0.35
C ARG B 54 -5.50 17.71 -1.25
N SER B 55 -5.77 18.59 -2.25
CA SER B 55 -4.73 18.96 -3.21
C SER B 55 -4.84 20.37 -3.67
N HIS B 56 -3.71 20.77 -4.27
CA HIS B 56 -3.54 22.08 -4.85
C HIS B 56 -2.84 21.99 -6.18
N VAL B 57 -3.34 22.82 -7.14
CA VAL B 57 -2.76 22.92 -8.49
C VAL B 57 -1.99 24.26 -8.55
N ILE B 58 -0.67 24.23 -8.69
CA ILE B 58 0.05 25.50 -8.74
C ILE B 58 1.24 25.39 -9.64
N ASN B 59 1.87 26.55 -9.80
CA ASN B 59 3.08 26.65 -10.56
C ASN B 59 4.20 26.59 -9.55
N MET B 60 4.60 25.36 -9.28
CA MET B 60 5.64 25.08 -8.32
C MET B 60 6.99 25.79 -8.61
N LEU B 61 7.15 26.29 -9.84
CA LEU B 61 8.37 26.99 -10.19
C LEU B 61 8.26 28.45 -9.74
N ASP B 62 7.04 28.77 -9.30
CA ASP B 62 6.66 30.07 -8.76
C ASP B 62 6.72 30.10 -7.21
N GLY B 63 7.85 30.63 -6.72
CA GLY B 63 8.13 30.73 -5.32
C GLY B 63 7.03 31.41 -4.54
N ASP B 64 6.46 32.45 -5.08
CA ASP B 64 5.43 33.07 -4.28
C ASP B 64 4.24 32.20 -4.03
N ALA B 65 3.87 31.47 -5.09
CA ALA B 65 2.76 30.53 -5.13
C ALA B 65 3.09 29.48 -4.09
N LEU B 66 4.30 28.88 -4.22
CA LEU B 66 4.78 27.87 -3.30
C LEU B 66 4.61 28.39 -1.87
N ARG B 67 5.11 29.58 -1.64
CA ARG B 67 4.99 30.13 -0.32
C ARG B 67 3.54 30.23 0.14
N ARG B 68 2.65 30.61 -0.77
CA ARG B 68 1.23 30.77 -0.44
C ARG B 68 0.54 29.46 -0.05
N VAL B 69 0.84 28.38 -0.75
CA VAL B 69 0.21 27.09 -0.44
C VAL B 69 0.77 26.50 0.85
N VAL B 70 2.08 26.61 0.98
CA VAL B 70 2.75 26.12 2.17
C VAL B 70 2.14 26.82 3.39
N GLU B 71 2.22 28.15 3.32
CA GLU B 71 1.72 28.98 4.39
C GLU B 71 0.30 28.64 4.70
N LEU B 72 -0.43 28.41 3.64
CA LEU B 72 -1.81 28.07 3.89
C LEU B 72 -2.03 26.72 4.60
N GLU B 73 -1.26 25.72 4.17
CA GLU B 73 -1.37 24.37 4.71
C GLU B 73 -0.52 24.09 5.94
N LYS B 74 0.52 24.90 6.16
CA LYS B 74 1.34 24.73 7.35
C LYS B 74 1.73 23.28 7.56
N PRO B 75 2.46 22.76 6.60
CA PRO B 75 2.87 21.38 6.71
C PRO B 75 4.06 21.21 7.64
N HIS B 76 4.18 19.99 8.14
CA HIS B 76 5.29 19.63 9.00
C HIS B 76 6.43 19.21 8.12
N TYR B 77 6.10 18.60 6.98
CA TYR B 77 7.12 18.16 6.06
C TYR B 77 6.72 18.58 4.67
N ILE B 78 7.75 18.93 3.91
CA ILE B 78 7.59 19.30 2.51
C ILE B 78 8.43 18.30 1.75
N VAL B 79 7.74 17.50 0.94
CA VAL B 79 8.39 16.44 0.18
C VAL B 79 8.30 16.64 -1.32
N PRO B 80 9.38 17.06 -1.95
CA PRO B 80 9.39 17.27 -3.40
C PRO B 80 9.56 15.96 -4.10
N GLU B 81 8.82 15.83 -5.22
CA GLU B 81 8.89 14.61 -6.00
C GLU B 81 9.87 14.69 -7.20
N ILE B 82 10.04 15.93 -7.65
CA ILE B 82 10.83 16.30 -8.82
C ILE B 82 11.75 17.47 -8.59
N GLU B 83 12.57 17.71 -9.61
CA GLU B 83 13.56 18.76 -9.63
C GLU B 83 12.99 20.14 -9.85
N ALA B 84 11.99 20.15 -10.72
CA ALA B 84 11.28 21.31 -11.22
C ALA B 84 10.49 22.08 -10.23
N ILE B 85 11.18 22.51 -9.20
CA ILE B 85 10.53 23.31 -8.19
C ILE B 85 11.42 24.49 -7.91
N ALA B 86 10.85 25.53 -7.31
CA ALA B 86 11.59 26.73 -6.91
C ALA B 86 12.39 26.41 -5.62
N THR B 87 13.53 25.74 -5.77
CA THR B 87 14.34 25.38 -4.63
C THR B 87 14.78 26.58 -3.80
N ASP B 88 14.75 27.79 -4.40
CA ASP B 88 15.18 28.95 -3.64
C ASP B 88 14.21 29.29 -2.53
N MET B 89 12.96 29.10 -2.86
CA MET B 89 11.92 29.34 -1.86
C MET B 89 11.96 28.24 -0.76
N LEU B 90 12.49 27.05 -1.12
CA LEU B 90 12.63 25.91 -0.22
C LEU B 90 13.66 26.28 0.83
N ILE B 91 14.76 26.83 0.33
CA ILE B 91 15.80 27.29 1.23
C ILE B 91 15.20 28.29 2.19
N GLN B 92 14.53 29.30 1.68
CA GLN B 92 13.95 30.25 2.58
C GLN B 92 12.99 29.62 3.54
N LEU B 93 12.05 28.87 2.99
CA LEU B 93 11.11 28.24 3.91
C LEU B 93 11.76 27.42 5.00
N GLU B 94 12.85 26.76 4.62
CA GLU B 94 13.59 25.96 5.55
C GLU B 94 14.20 26.88 6.63
N GLU B 95 14.86 27.92 6.10
CA GLU B 95 15.47 28.93 6.92
C GLU B 95 14.39 29.50 7.84
N GLU B 96 13.16 29.40 7.37
CA GLU B 96 12.08 29.92 8.18
C GLU B 96 11.49 28.90 9.14
N GLY B 97 11.98 27.68 9.08
CA GLY B 97 11.45 26.71 10.00
C GLY B 97 10.70 25.59 9.34
N LEU B 98 10.79 25.51 8.03
CA LEU B 98 10.07 24.39 7.48
C LEU B 98 10.96 23.19 7.34
N ASN B 99 10.37 22.05 7.48
CA ASN B 99 11.16 20.86 7.30
C ASN B 99 11.01 20.42 5.85
N VAL B 100 12.10 20.58 5.14
CA VAL B 100 12.17 20.15 3.75
C VAL B 100 12.92 18.82 3.70
N VAL B 101 12.31 17.85 3.03
CA VAL B 101 12.91 16.51 2.93
C VAL B 101 13.74 16.33 1.67
N PRO B 102 15.00 15.88 1.78
CA PRO B 102 15.76 15.52 2.98
C PRO B 102 16.29 16.78 3.72
N CYS B 103 16.56 17.81 2.95
CA CYS B 103 17.00 19.13 3.34
C CYS B 103 16.99 19.95 2.08
N ALA B 104 16.85 21.26 2.22
CA ALA B 104 16.78 22.14 1.06
C ALA B 104 18.07 22.24 0.24
N ARG B 105 19.24 22.20 0.92
CA ARG B 105 20.52 22.27 0.24
C ARG B 105 20.55 21.11 -0.72
N ALA B 106 20.19 19.93 -0.19
CA ALA B 106 20.16 18.74 -1.01
C ALA B 106 19.39 18.98 -2.31
N THR B 107 18.20 19.54 -2.19
CA THR B 107 17.40 19.78 -3.38
C THR B 107 18.11 20.70 -4.33
N LYS B 108 18.66 21.75 -3.77
CA LYS B 108 19.38 22.66 -4.63
C LYS B 108 20.57 22.03 -5.41
N LEU B 109 21.55 21.51 -4.69
CA LEU B 109 22.70 20.91 -5.33
C LEU B 109 22.38 19.96 -6.46
N THR B 110 21.36 19.16 -6.21
CA THR B 110 20.94 18.14 -7.18
C THR B 110 20.10 18.68 -8.35
N MET B 111 19.56 19.92 -8.26
CA MET B 111 18.79 20.36 -9.41
C MET B 111 19.70 20.95 -10.47
N ASN B 112 20.99 21.02 -10.13
CA ASN B 112 21.93 21.60 -11.05
C ASN B 112 23.12 20.71 -11.09
N ARG B 113 23.45 20.24 -12.29
CA ARG B 113 24.60 19.36 -12.38
C ARG B 113 25.97 19.92 -11.93
N GLU B 114 26.10 21.26 -12.00
CA GLU B 114 27.36 21.85 -11.63
C GLU B 114 27.63 21.59 -10.17
N GLY B 115 26.60 21.89 -9.39
CA GLY B 115 26.67 21.68 -7.95
C GLY B 115 27.08 20.27 -7.63
N ILE B 116 26.14 19.38 -7.89
CA ILE B 116 26.38 17.99 -7.60
C ILE B 116 27.68 17.42 -8.17
N ARG B 117 27.98 17.78 -9.40
CA ARG B 117 29.18 17.21 -9.99
C ARG B 117 30.47 17.66 -9.35
N ARG B 118 30.43 18.93 -8.97
CA ARG B 118 31.60 19.53 -8.32
C ARG B 118 31.85 18.95 -6.94
N LEU B 119 30.74 18.83 -6.22
CA LEU B 119 30.74 18.27 -4.89
C LEU B 119 31.39 16.89 -4.92
N ALA B 120 30.79 16.08 -5.71
CA ALA B 120 31.27 14.73 -5.78
C ALA B 120 32.69 14.56 -6.23
N ALA B 121 32.96 15.11 -7.40
CA ALA B 121 34.23 15.03 -8.10
C ALA B 121 35.38 15.68 -7.38
N GLU B 122 35.10 16.92 -7.10
CA GLU B 122 36.07 17.72 -6.44
C GLU B 122 36.00 17.58 -4.94
N GLU B 123 34.95 18.13 -4.37
CA GLU B 123 34.84 18.04 -2.94
C GLU B 123 34.99 16.64 -2.32
N LEU B 124 34.28 15.64 -2.85
CA LEU B 124 34.35 14.32 -2.24
C LEU B 124 35.42 13.45 -2.82
N GLN B 125 35.99 13.93 -3.92
CA GLN B 125 37.06 13.17 -4.50
C GLN B 125 36.60 11.78 -4.93
N LEU B 126 35.46 11.72 -5.61
CA LEU B 126 34.92 10.46 -6.09
C LEU B 126 35.04 10.27 -7.59
N PRO B 127 35.11 9.00 -8.03
CA PRO B 127 35.21 8.67 -9.45
C PRO B 127 33.92 8.97 -10.16
N THR B 128 34.07 9.82 -11.18
CA THR B 128 33.04 10.25 -12.07
C THR B 128 33.56 10.28 -13.51
N SER B 129 32.70 10.61 -14.44
CA SER B 129 33.17 10.66 -15.81
C SER B 129 33.88 12.00 -16.01
N THR B 130 34.70 12.11 -17.06
CA THR B 130 35.39 13.39 -17.33
C THR B 130 34.33 14.37 -17.76
N TYR B 131 34.51 15.60 -17.35
CA TYR B 131 33.49 16.54 -17.76
C TYR B 131 34.06 17.94 -17.82
N ARG B 132 33.22 18.84 -18.37
CA ARG B 132 33.50 20.26 -18.53
C ARG B 132 32.20 21.02 -18.68
N PHE B 133 32.14 22.18 -18.04
CA PHE B 133 30.99 23.08 -18.08
C PHE B 133 31.25 24.22 -19.05
N ALA B 134 30.24 24.63 -19.82
CA ALA B 134 30.41 25.68 -20.82
C ALA B 134 29.28 26.68 -20.81
N ASP B 135 29.62 27.95 -21.04
CA ASP B 135 28.65 29.05 -21.06
C ASP B 135 28.34 29.56 -22.48
N SER B 136 29.18 29.16 -23.43
CA SER B 136 29.04 29.57 -24.82
C SER B 136 29.40 28.45 -25.78
N GLU B 137 28.75 28.50 -26.95
CA GLU B 137 28.98 27.55 -28.01
C GLU B 137 30.47 27.47 -28.28
N SER B 138 31.10 28.61 -28.24
CA SER B 138 32.52 28.61 -28.47
C SER B 138 33.12 27.71 -27.45
N LEU B 139 32.72 27.98 -26.21
CA LEU B 139 33.27 27.15 -25.18
C LEU B 139 32.75 25.75 -25.29
N PHE B 140 31.46 25.66 -25.63
CA PHE B 140 30.88 24.35 -25.80
C PHE B 140 31.76 23.51 -26.71
N ARG B 141 32.04 24.18 -27.84
CA ARG B 141 32.83 23.71 -28.96
C ARG B 141 34.23 23.45 -28.43
N GLU B 142 34.63 24.41 -27.66
CA GLU B 142 35.92 24.28 -27.05
C GLU B 142 35.99 23.04 -26.19
N ALA B 143 34.93 22.86 -25.38
CA ALA B 143 34.76 21.77 -24.43
C ALA B 143 34.69 20.40 -25.06
N VAL B 144 33.81 20.28 -26.04
CA VAL B 144 33.69 19.02 -26.69
C VAL B 144 35.03 18.61 -27.27
N ALA B 145 35.81 19.66 -27.52
CA ALA B 145 37.14 19.54 -28.09
C ALA B 145 38.08 18.86 -27.11
N ASP B 146 37.91 19.22 -25.84
CA ASP B 146 38.74 18.67 -24.77
C ASP B 146 38.30 17.30 -24.25
N ILE B 147 36.99 17.07 -24.31
CA ILE B 147 36.44 15.81 -23.87
C ILE B 147 36.71 14.73 -24.91
N GLY B 148 36.42 15.06 -26.17
CA GLY B 148 36.62 14.14 -27.27
C GLY B 148 35.36 13.36 -27.58
N TYR B 149 35.52 12.41 -28.49
CA TYR B 149 34.36 11.63 -28.79
C TYR B 149 34.53 10.19 -28.36
N PRO B 150 33.39 9.58 -27.98
CA PRO B 150 32.14 10.34 -28.04
C PRO B 150 31.95 11.17 -26.77
N CYS B 151 30.86 11.89 -26.72
CA CYS B 151 30.68 12.70 -25.56
C CYS B 151 29.24 13.06 -25.31
N ILE B 152 28.91 13.30 -24.04
CA ILE B 152 27.54 13.67 -23.76
C ILE B 152 27.44 15.13 -23.33
N VAL B 153 26.44 15.78 -23.88
CA VAL B 153 26.23 17.15 -23.53
C VAL B 153 24.86 17.32 -22.90
N LYS B 154 24.91 17.91 -21.70
CA LYS B 154 23.62 18.10 -21.09
C LYS B 154 23.48 19.49 -20.47
N PRO B 155 22.23 19.88 -20.47
CA PRO B 155 21.85 21.13 -19.84
C PRO B 155 22.12 20.95 -18.33
N VAL B 156 22.64 21.98 -17.67
CA VAL B 156 22.89 21.78 -16.27
C VAL B 156 21.59 21.68 -15.52
N MET B 157 20.54 22.14 -16.20
CA MET B 157 19.20 22.06 -15.66
C MET B 157 18.28 21.18 -16.50
N SER B 158 18.65 19.90 -16.61
CA SER B 158 17.99 18.83 -17.38
C SER B 158 17.72 17.53 -16.60
N SER B 159 16.68 16.82 -17.06
CA SER B 159 16.22 15.53 -16.52
C SER B 159 15.54 14.74 -17.63
N SER B 160 15.33 13.43 -17.41
CA SER B 160 14.69 12.52 -18.36
C SER B 160 15.38 12.56 -19.70
N GLY B 161 16.66 13.00 -19.64
CA GLY B 161 17.51 13.17 -20.80
C GLY B 161 16.96 14.35 -21.63
N LYS B 162 16.52 15.41 -20.98
CA LYS B 162 15.98 16.52 -21.74
C LYS B 162 17.12 17.47 -22.14
N GLY B 163 17.13 17.89 -23.43
CA GLY B 163 18.12 18.76 -24.05
C GLY B 163 19.45 18.07 -24.27
N GLN B 164 19.57 16.88 -23.75
CA GLN B 164 20.82 16.13 -23.89
C GLN B 164 21.07 15.64 -25.30
N THR B 165 22.35 15.36 -25.61
CA THR B 165 22.77 14.89 -26.93
C THR B 165 24.01 14.01 -26.85
N PHE B 166 24.01 12.88 -27.55
CA PHE B 166 25.16 11.99 -27.55
C PHE B 166 26.00 12.32 -28.77
N ILE B 167 27.23 12.76 -28.52
CA ILE B 167 28.12 13.20 -29.57
C ILE B 167 29.31 12.37 -29.99
N ARG B 168 29.14 11.91 -31.23
CA ARG B 168 30.17 11.15 -31.92
C ARG B 168 30.65 11.95 -33.15
N SER B 169 29.87 13.01 -33.51
CA SER B 169 30.24 13.86 -34.65
C SER B 169 30.08 15.39 -34.58
N ALA B 170 31.10 16.08 -35.15
CA ALA B 170 31.19 17.53 -35.19
C ALA B 170 30.00 18.28 -35.81
N GLU B 171 29.26 17.54 -36.64
CA GLU B 171 28.09 18.02 -37.36
C GLU B 171 26.87 18.29 -36.45
N GLN B 172 26.72 17.49 -35.40
CA GLN B 172 25.62 17.64 -34.45
C GLN B 172 25.71 18.95 -33.66
N LEU B 173 26.94 19.45 -33.45
CA LEU B 173 27.31 20.68 -32.72
C LEU B 173 26.34 21.80 -32.98
N ALA B 174 26.08 22.02 -34.22
CA ALA B 174 25.12 23.04 -34.49
C ALA B 174 23.88 22.88 -33.60
N GLN B 175 23.21 21.74 -33.84
CA GLN B 175 21.98 21.38 -33.17
C GLN B 175 22.14 21.02 -31.72
N ALA B 176 23.22 20.31 -31.43
CA ALA B 176 23.54 19.89 -30.09
C ALA B 176 23.43 21.09 -29.16
N TRP B 177 24.19 22.14 -29.48
CA TRP B 177 24.18 23.38 -28.73
C TRP B 177 22.77 23.97 -28.68
N LYS B 178 22.02 23.86 -29.77
CA LYS B 178 20.66 24.38 -29.84
C LYS B 178 19.64 23.63 -28.95
N TYR B 179 19.78 22.30 -28.90
CA TYR B 179 18.91 21.45 -28.13
C TYR B 179 19.07 21.74 -26.62
N ALA B 180 20.38 21.80 -26.26
CA ALA B 180 20.94 22.09 -24.94
C ALA B 180 20.60 23.50 -24.44
N GLN B 181 20.08 24.33 -25.37
CA GLN B 181 19.66 25.68 -25.09
C GLN B 181 18.14 25.77 -25.00
N GLN B 182 17.46 24.84 -25.70
CA GLN B 182 15.99 24.69 -25.73
C GLN B 182 15.47 24.17 -24.42
N GLY B 189 21.00 28.94 -19.86
CA GLY B 189 21.72 28.54 -21.05
C GLY B 189 23.17 28.08 -20.80
N ARG B 190 23.31 27.10 -19.90
CA ARG B 190 24.62 26.57 -19.58
C ARG B 190 24.64 25.06 -19.64
N VAL B 191 25.79 24.48 -19.96
CA VAL B 191 25.89 23.04 -20.11
C VAL B 191 27.16 22.39 -19.60
N ILE B 192 27.07 21.06 -19.66
CA ILE B 192 28.10 20.13 -19.28
C ILE B 192 28.40 19.16 -20.41
N VAL B 193 29.68 18.93 -20.54
CA VAL B 193 30.12 18.04 -21.55
C VAL B 193 30.84 16.95 -20.85
N GLU B 194 30.26 15.74 -20.94
CA GLU B 194 30.81 14.57 -20.29
C GLU B 194 31.41 13.52 -21.18
N GLY B 195 32.47 12.98 -20.64
CA GLY B 195 33.23 11.92 -21.23
C GLY B 195 32.64 10.54 -21.02
N VAL B 196 31.87 10.10 -22.01
CA VAL B 196 31.29 8.77 -22.01
C VAL B 196 32.13 7.69 -21.29
N VAL B 197 31.43 6.99 -20.42
CA VAL B 197 32.05 5.90 -19.66
C VAL B 197 31.61 4.55 -20.28
N LYS B 198 32.51 3.56 -20.36
CA LYS B 198 32.12 2.26 -20.93
C LYS B 198 32.03 1.18 -19.85
N PHE B 199 30.87 1.17 -19.21
CA PHE B 199 30.56 0.31 -18.07
C PHE B 199 29.93 -1.02 -18.40
N ASP B 200 30.06 -1.98 -17.50
CA ASP B 200 29.45 -3.27 -17.74
C ASP B 200 27.92 -3.12 -17.59
N PHE B 201 27.52 -2.32 -16.60
CA PHE B 201 26.10 -2.10 -16.38
C PHE B 201 25.94 -0.89 -15.48
N GLU B 202 24.70 -0.40 -15.42
CA GLU B 202 24.25 0.75 -14.65
C GLU B 202 23.40 0.27 -13.47
N ILE B 203 23.54 0.91 -12.30
CA ILE B 203 22.72 0.53 -11.13
C ILE B 203 22.24 1.80 -10.44
N THR B 204 21.24 1.56 -9.58
CA THR B 204 20.66 2.56 -8.71
C THR B 204 20.87 2.00 -7.32
N LEU B 205 21.63 2.74 -6.53
CA LEU B 205 21.86 2.24 -5.20
C LEU B 205 20.95 3.08 -4.31
N LEU B 206 19.81 2.48 -3.91
CA LEU B 206 18.79 3.08 -3.04
C LEU B 206 19.29 3.06 -1.58
N THR B 207 19.69 4.27 -1.17
CA THR B 207 20.32 4.53 0.12
C THR B 207 19.46 5.38 1.02
N VAL B 208 19.10 4.81 2.16
CA VAL B 208 18.29 5.53 3.14
C VAL B 208 19.15 6.03 4.30
N SER B 209 19.01 7.34 4.50
CA SER B 209 19.68 8.04 5.60
C SER B 209 18.61 8.26 6.67
N ALA B 210 18.78 7.69 7.86
CA ALA B 210 17.78 7.82 8.92
C ALA B 210 18.42 7.92 10.27
N VAL B 211 17.55 7.93 11.26
CA VAL B 211 18.02 8.07 12.63
C VAL B 211 19.07 7.05 13.07
N ASP B 212 18.94 5.83 12.57
CA ASP B 212 19.84 4.71 12.89
C ASP B 212 20.94 4.55 11.85
N GLY B 213 21.19 5.64 11.14
CA GLY B 213 22.26 5.64 10.17
C GLY B 213 21.81 5.43 8.75
N VAL B 214 22.78 5.08 7.92
CA VAL B 214 22.63 4.81 6.51
C VAL B 214 22.58 3.31 6.26
N HIS B 215 21.55 2.91 5.50
CA HIS B 215 21.27 1.54 5.12
C HIS B 215 21.05 1.49 3.62
N PHE B 216 21.50 0.41 2.98
CA PHE B 216 21.33 0.25 1.57
C PHE B 216 20.40 -0.87 1.14
N CYS B 217 19.72 -0.65 0.01
CA CYS B 217 18.91 -1.70 -0.56
C CYS B 217 19.84 -2.42 -1.50
N ALA B 218 19.50 -3.69 -1.80
CA ALA B 218 20.29 -4.44 -2.77
C ALA B 218 20.31 -3.62 -4.06
N PRO B 219 21.44 -3.60 -4.78
CA PRO B 219 21.56 -2.82 -5.99
C PRO B 219 20.51 -3.15 -7.02
N VAL B 220 20.04 -2.09 -7.62
CA VAL B 220 18.99 -2.18 -8.63
C VAL B 220 19.54 -1.93 -10.03
N GLY B 221 19.51 -2.93 -10.90
CA GLY B 221 20.00 -2.63 -12.22
C GLY B 221 18.83 -2.21 -13.11
N HIS B 222 19.14 -1.57 -14.24
CA HIS B 222 18.09 -1.14 -15.12
C HIS B 222 18.54 -0.84 -16.53
N ARG B 223 17.49 -0.80 -17.39
CA ARG B 223 17.58 -0.52 -18.80
C ARG B 223 16.88 0.78 -19.17
N GLN B 224 17.67 1.69 -19.73
CA GLN B 224 17.20 2.97 -20.18
C GLN B 224 17.09 2.97 -21.69
N GLU B 225 16.16 3.76 -22.21
CA GLU B 225 15.99 3.83 -23.65
C GLU B 225 15.24 5.10 -23.90
N ASP B 226 15.78 5.90 -24.82
CA ASP B 226 15.19 7.17 -25.20
C ASP B 226 14.95 7.99 -23.92
N GLY B 227 15.89 7.84 -22.97
CA GLY B 227 15.88 8.53 -21.67
C GLY B 227 14.78 8.11 -20.70
N ASP B 228 14.27 6.92 -20.91
CA ASP B 228 13.26 6.39 -20.04
C ASP B 228 13.75 5.02 -19.61
N TYR B 229 13.59 4.76 -18.30
CA TYR B 229 13.96 3.43 -17.77
C TYR B 229 12.86 2.55 -18.35
N ARG B 230 13.22 1.34 -18.76
CA ARG B 230 12.26 0.44 -19.39
C ARG B 230 12.00 -0.68 -18.44
N GLU B 231 13.10 -1.23 -17.94
CA GLU B 231 13.05 -2.27 -16.93
C GLU B 231 14.09 -2.00 -15.87
N SER B 232 13.87 -2.54 -14.68
CA SER B 232 14.74 -2.47 -13.50
C SER B 232 14.64 -3.81 -12.83
N TRP B 233 15.69 -4.24 -12.10
CA TRP B 233 15.68 -5.53 -11.48
C TRP B 233 16.55 -5.49 -10.27
N GLN B 234 16.33 -6.48 -9.42
CA GLN B 234 17.05 -6.64 -8.15
C GLN B 234 17.07 -8.09 -7.70
N PRO B 235 18.27 -8.50 -7.18
CA PRO B 235 19.44 -7.61 -7.05
C PRO B 235 20.33 -7.74 -8.29
N GLN B 236 20.98 -6.63 -8.65
CA GLN B 236 21.90 -6.71 -9.79
C GLN B 236 23.17 -7.39 -9.26
N GLN B 237 23.63 -8.41 -10.00
CA GLN B 237 24.87 -9.20 -9.73
C GLN B 237 26.10 -8.28 -9.78
N MET B 238 26.81 -8.17 -8.66
CA MET B 238 27.98 -7.32 -8.54
C MET B 238 29.07 -7.92 -7.70
N SER B 239 30.33 -7.55 -7.97
CA SER B 239 31.39 -8.08 -7.12
C SER B 239 31.29 -7.54 -5.72
N PRO B 240 31.68 -8.37 -4.76
CA PRO B 240 31.64 -7.95 -3.39
C PRO B 240 32.46 -6.68 -3.28
N LEU B 241 33.52 -6.65 -4.08
CA LEU B 241 34.35 -5.47 -4.04
C LEU B 241 33.62 -4.33 -4.71
N ALA B 242 33.02 -4.65 -5.86
CA ALA B 242 32.33 -3.64 -6.57
C ALA B 242 31.28 -3.05 -5.63
N LEU B 243 30.55 -3.93 -4.94
CA LEU B 243 29.50 -3.46 -4.07
C LEU B 243 29.95 -2.58 -2.93
N GLU B 244 31.04 -3.05 -2.31
CA GLU B 244 31.65 -2.34 -1.19
C GLU B 244 31.93 -0.92 -1.62
N ARG B 245 32.51 -0.79 -2.82
CA ARG B 245 32.86 0.52 -3.36
C ARG B 245 31.61 1.40 -3.63
N ALA B 246 30.61 0.78 -4.20
CA ALA B 246 29.38 1.49 -4.49
C ALA B 246 28.76 2.05 -3.21
N GLN B 247 28.78 1.22 -2.16
CA GLN B 247 28.21 1.70 -0.92
C GLN B 247 29.00 2.87 -0.36
N GLU B 248 30.33 2.80 -0.51
CA GLU B 248 31.18 3.85 0.03
C GLU B 248 30.88 5.14 -0.66
N ILE B 249 30.75 5.02 -1.97
CA ILE B 249 30.47 6.24 -2.64
C ILE B 249 29.11 6.78 -2.21
N ALA B 250 28.06 5.92 -2.18
CA ALA B 250 26.71 6.34 -1.83
C ALA B 250 26.63 6.97 -0.44
N ARG B 251 27.31 6.32 0.54
CA ARG B 251 27.33 6.88 1.89
C ARG B 251 27.94 8.29 1.89
N LYS B 252 29.10 8.43 1.24
CA LYS B 252 29.76 9.75 1.24
C LYS B 252 28.87 10.79 0.67
N VAL B 253 28.24 10.48 -0.47
CA VAL B 253 27.34 11.38 -1.10
C VAL B 253 26.13 11.75 -0.25
N VAL B 254 25.41 10.74 0.24
CA VAL B 254 24.19 11.04 1.01
C VAL B 254 24.48 11.87 2.24
N LEU B 255 25.60 11.50 2.84
CA LEU B 255 25.96 12.23 4.05
C LEU B 255 26.31 13.64 3.65
N ALA B 256 26.93 13.74 2.50
CA ALA B 256 27.33 15.04 2.05
C ALA B 256 26.16 15.90 1.74
N LEU B 257 25.11 15.33 1.18
CA LEU B 257 23.96 16.18 0.87
C LEU B 257 23.16 16.53 2.12
N GLY B 258 23.09 15.54 3.05
CA GLY B 258 22.41 15.66 4.34
C GLY B 258 20.89 15.53 4.40
N GLY B 259 20.47 15.26 5.63
CA GLY B 259 19.05 15.11 5.94
C GLY B 259 18.58 13.65 5.80
N TYR B 260 17.45 13.37 6.47
CA TYR B 260 16.87 12.03 6.38
C TYR B 260 15.94 11.84 5.20
N GLY B 261 16.12 10.70 4.57
CA GLY B 261 15.29 10.35 3.45
C GLY B 261 15.95 9.23 2.65
N LEU B 262 15.26 8.76 1.59
CA LEU B 262 15.76 7.74 0.68
C LEU B 262 16.33 8.45 -0.57
N PHE B 263 17.58 8.09 -0.90
CA PHE B 263 18.30 8.66 -2.03
C PHE B 263 18.56 7.65 -3.15
N GLY B 264 18.49 8.12 -4.40
CA GLY B 264 18.73 7.23 -5.55
C GLY B 264 20.11 7.54 -6.13
N VAL B 265 21.15 6.80 -5.75
CA VAL B 265 22.49 7.03 -6.21
C VAL B 265 22.77 6.21 -7.50
N GLU B 266 22.98 6.95 -8.57
CA GLU B 266 23.21 6.42 -9.91
C GLU B 266 24.68 6.22 -10.15
N LEU B 267 25.02 4.95 -10.43
CA LEU B 267 26.41 4.53 -10.62
C LEU B 267 26.60 3.63 -11.81
N PHE B 268 27.85 3.58 -12.30
CA PHE B 268 28.24 2.71 -13.39
C PHE B 268 29.25 1.73 -12.86
N VAL B 269 29.13 0.49 -13.35
CA VAL B 269 30.04 -0.57 -12.91
C VAL B 269 30.80 -1.18 -14.06
N CYS B 270 32.11 -1.15 -13.89
CA CYS B 270 33.03 -1.73 -14.84
C CYS B 270 33.95 -2.64 -14.06
N GLY B 271 33.84 -3.94 -14.24
CA GLY B 271 34.70 -4.76 -13.42
C GLY B 271 34.43 -4.41 -11.95
N ASP B 272 35.46 -4.39 -11.13
CA ASP B 272 35.27 -4.10 -9.73
C ASP B 272 35.29 -2.60 -9.52
N GLU B 273 35.24 -1.86 -10.63
CA GLU B 273 35.25 -0.40 -10.59
C GLU B 273 33.91 0.32 -10.68
N VAL B 274 33.73 1.26 -9.74
CA VAL B 274 32.52 2.05 -9.67
C VAL B 274 32.66 3.58 -9.87
N ILE B 275 31.79 4.03 -10.74
CA ILE B 275 31.79 5.43 -11.06
C ILE B 275 30.49 6.13 -10.71
N PHE B 276 30.63 7.26 -10.05
CA PHE B 276 29.51 8.06 -9.68
C PHE B 276 28.93 8.82 -10.87
N SER B 277 27.59 8.81 -11.07
CA SER B 277 26.96 9.56 -12.15
C SER B 277 26.22 10.77 -11.59
N GLU B 278 25.13 10.48 -10.84
CA GLU B 278 24.26 11.46 -10.23
C GLU B 278 23.46 10.81 -9.12
N VAL B 279 22.60 11.61 -8.48
CA VAL B 279 21.80 11.16 -7.37
C VAL B 279 20.55 12.01 -7.20
N SER B 280 19.45 11.29 -6.92
CA SER B 280 18.13 11.84 -6.66
C SER B 280 17.97 11.84 -5.13
N PRO B 281 17.63 12.99 -4.56
CA PRO B 281 17.43 13.12 -3.13
C PRO B 281 15.99 12.76 -2.76
N ARG B 282 15.59 11.60 -3.26
CA ARG B 282 14.22 11.14 -3.11
C ARG B 282 14.17 9.80 -3.85
N PRO B 283 13.06 9.06 -3.66
CA PRO B 283 12.87 7.78 -4.37
C PRO B 283 13.04 8.00 -5.90
N HIS B 284 13.55 6.97 -6.54
CA HIS B 284 13.87 6.96 -7.94
C HIS B 284 12.97 6.01 -8.69
N ASP B 285 12.59 6.36 -9.92
CA ASP B 285 11.71 5.53 -10.69
C ASP B 285 12.06 4.07 -10.83
N THR B 286 13.38 3.81 -10.96
CA THR B 286 13.90 2.46 -11.10
C THR B 286 13.58 1.62 -9.86
N GLY B 287 13.45 2.35 -8.75
CA GLY B 287 13.15 1.77 -7.41
C GLY B 287 11.74 1.24 -7.28
N MET B 288 10.91 1.43 -8.31
CA MET B 288 9.54 0.89 -8.30
C MET B 288 9.54 -0.66 -8.12
N VAL B 289 10.67 -1.33 -8.48
CA VAL B 289 10.74 -2.77 -8.30
C VAL B 289 10.61 -3.10 -6.80
N THR B 290 11.05 -2.23 -5.87
CA THR B 290 10.93 -2.44 -4.43
C THR B 290 9.50 -2.55 -3.94
N LEU B 291 8.54 -2.30 -4.88
CA LEU B 291 7.10 -2.46 -4.53
C LEU B 291 6.80 -3.95 -4.46
N ILE B 292 7.69 -4.79 -4.97
CA ILE B 292 7.40 -6.19 -4.85
C ILE B 292 8.58 -7.01 -4.27
N SER B 293 9.76 -6.37 -4.30
CA SER B 293 11.00 -7.01 -3.95
C SER B 293 11.47 -6.88 -2.51
N GLN B 294 10.86 -5.99 -1.74
CA GLN B 294 11.28 -5.83 -0.36
C GLN B 294 10.12 -5.75 0.59
N ASP B 295 10.43 -5.91 1.88
CA ASP B 295 9.39 -5.78 2.88
C ASP B 295 9.01 -4.31 2.90
N LEU B 296 10.04 -3.47 2.81
CA LEU B 296 9.78 -2.04 2.79
C LEU B 296 10.06 -1.45 1.41
N SER B 297 9.07 -0.86 0.73
CA SER B 297 9.31 -0.28 -0.57
C SER B 297 10.09 1.02 -0.37
N GLU B 298 10.67 1.50 -1.46
CA GLU B 298 11.48 2.70 -1.38
C GLU B 298 10.69 3.87 -0.82
N PHE B 299 9.39 3.77 -1.05
CA PHE B 299 8.41 4.79 -0.60
C PHE B 299 8.21 4.72 0.91
N ALA B 300 8.10 3.49 1.39
CA ALA B 300 7.92 3.24 2.80
C ALA B 300 9.19 3.68 3.51
N LEU B 301 10.30 3.46 2.82
CA LEU B 301 11.56 3.83 3.46
C LEU B 301 11.76 5.33 3.58
N HIS B 302 11.32 6.02 2.58
CA HIS B 302 11.44 7.44 2.55
C HIS B 302 10.66 8.04 3.72
N VAL B 303 9.40 7.58 3.89
CA VAL B 303 8.53 8.10 4.96
C VAL B 303 9.08 7.75 6.35
N ARG B 304 9.50 6.49 6.52
CA ARG B 304 10.11 6.05 7.79
C ARG B 304 11.25 6.99 8.22
N ALA B 305 12.12 7.23 7.23
CA ALA B 305 13.30 8.05 7.38
C ALA B 305 12.99 9.48 7.77
N PHE B 306 12.21 10.14 6.91
CA PHE B 306 11.86 11.54 7.13
C PHE B 306 11.05 11.81 8.41
N LEU B 307 10.25 10.81 8.83
CA LEU B 307 9.50 10.96 10.02
C LEU B 307 10.40 10.75 11.22
N GLY B 308 11.68 10.47 11.00
CA GLY B 308 12.64 10.29 12.09
C GLY B 308 12.60 8.94 12.75
N LEU B 309 12.12 7.94 12.01
CA LEU B 309 11.99 6.61 12.53
C LEU B 309 13.15 5.78 12.10
N PRO B 310 13.52 4.78 12.89
CA PRO B 310 14.66 3.90 12.54
C PRO B 310 14.30 2.87 11.47
N VAL B 311 15.20 2.60 10.52
CA VAL B 311 14.96 1.62 9.43
C VAL B 311 15.23 0.19 9.94
N GLY B 312 16.43 0.03 10.57
CA GLY B 312 16.86 -1.20 11.17
C GLY B 312 17.34 -2.19 10.16
N GLY B 313 16.47 -2.55 9.25
CA GLY B 313 16.91 -3.50 8.24
C GLY B 313 15.98 -3.50 6.99
N ILE B 314 16.46 -3.99 5.83
CA ILE B 314 15.65 -4.07 4.61
C ILE B 314 15.70 -5.49 4.14
N ARG B 315 14.54 -6.16 4.02
CA ARG B 315 14.57 -7.52 3.50
C ARG B 315 14.23 -7.48 2.01
N GLN B 316 15.02 -8.27 1.28
CA GLN B 316 14.96 -8.48 -0.17
C GLN B 316 14.40 -9.89 -0.43
N TYR B 317 13.35 -10.00 -1.23
CA TYR B 317 12.68 -11.28 -1.45
C TYR B 317 13.07 -12.10 -2.65
N GLY B 318 14.31 -11.97 -3.10
CA GLY B 318 14.67 -12.75 -4.28
C GLY B 318 14.58 -11.92 -5.57
N PRO B 319 15.01 -12.58 -6.64
CA PRO B 319 14.98 -11.99 -7.98
C PRO B 319 13.62 -11.36 -8.22
N ALA B 320 13.73 -10.10 -8.65
CA ALA B 320 12.54 -9.27 -8.91
C ALA B 320 12.77 -8.24 -10.01
N ALA B 321 11.67 -7.79 -10.64
CA ALA B 321 11.81 -6.82 -11.71
C ALA B 321 10.57 -5.94 -11.87
N SER B 322 10.78 -4.76 -12.49
CA SER B 322 9.71 -3.84 -12.89
C SER B 322 9.83 -3.65 -14.41
N ALA B 323 8.73 -3.40 -15.08
CA ALA B 323 8.70 -3.13 -16.52
C ALA B 323 7.57 -2.12 -16.72
N VAL B 324 7.93 -0.95 -17.26
CA VAL B 324 6.96 0.11 -17.45
C VAL B 324 5.89 -0.16 -18.51
N ILE B 325 4.78 0.52 -18.27
CA ILE B 325 3.65 0.52 -19.22
C ILE B 325 3.75 1.97 -19.74
N LEU B 326 4.34 2.07 -20.94
CA LEU B 326 4.66 3.32 -21.65
C LEU B 326 4.14 3.40 -23.08
N PRO B 327 2.85 3.61 -23.20
CA PRO B 327 2.20 3.73 -24.51
C PRO B 327 2.49 5.13 -25.04
N GLN B 328 2.01 5.35 -26.27
CA GLN B 328 2.21 6.62 -26.93
C GLN B 328 1.00 6.86 -27.82
N LEU B 329 0.17 7.80 -27.37
CA LEU B 329 -1.04 8.13 -28.08
C LEU B 329 -1.59 9.42 -27.45
N THR B 330 -2.71 9.90 -27.99
CA THR B 330 -3.31 11.09 -27.42
C THR B 330 -4.70 10.75 -26.96
N SER B 331 -4.99 11.01 -25.69
CA SER B 331 -6.32 10.72 -25.16
C SER B 331 -6.57 11.35 -23.79
N GLN B 332 -7.84 11.53 -23.43
CA GLN B 332 -8.17 11.99 -22.06
C GLN B 332 -9.14 10.97 -21.42
N ASN B 333 -9.13 9.75 -21.95
CA ASN B 333 -10.05 8.75 -21.46
C ASN B 333 -9.49 7.37 -21.72
N VAL B 334 -8.30 7.14 -21.19
CA VAL B 334 -7.61 5.86 -21.33
C VAL B 334 -8.24 4.70 -20.59
N THR B 335 -8.30 3.58 -21.28
CA THR B 335 -8.77 2.36 -20.72
C THR B 335 -7.72 1.32 -20.97
N PHE B 336 -7.74 0.28 -20.14
CA PHE B 336 -6.75 -0.77 -20.19
C PHE B 336 -7.46 -2.12 -20.24
N ASP B 337 -7.26 -2.79 -21.36
CA ASP B 337 -7.88 -4.10 -21.55
C ASP B 337 -6.90 -5.25 -21.50
N ASN B 338 -7.41 -6.45 -21.39
CA ASN B 338 -6.52 -7.62 -21.29
C ASN B 338 -5.69 -7.69 -19.99
N VAL B 339 -6.15 -7.03 -18.92
CA VAL B 339 -5.45 -6.98 -17.63
C VAL B 339 -5.34 -8.35 -16.94
N GLN B 340 -6.32 -9.22 -17.27
CA GLN B 340 -6.33 -10.58 -16.75
C GLN B 340 -5.09 -11.32 -17.17
N ASN B 341 -4.43 -10.90 -18.28
CA ASN B 341 -3.19 -11.53 -18.72
C ASN B 341 -2.01 -10.74 -18.25
N ALA B 342 -2.18 -9.79 -17.32
CA ALA B 342 -1.01 -9.04 -16.84
C ALA B 342 -0.78 -9.22 -15.34
N VAL B 343 -1.59 -10.08 -14.71
CA VAL B 343 -1.51 -10.39 -13.26
C VAL B 343 -1.58 -11.87 -13.00
N GLY B 344 -1.06 -12.34 -11.86
CA GLY B 344 -1.10 -13.79 -11.61
C GLY B 344 -0.17 -14.08 -10.53
N ALA B 345 0.29 -15.29 -10.47
CA ALA B 345 1.25 -15.59 -9.41
C ALA B 345 2.52 -14.76 -9.54
N ASP B 346 2.99 -14.23 -8.43
CA ASP B 346 4.22 -13.44 -8.41
C ASP B 346 4.20 -12.39 -9.46
N LEU B 347 3.03 -11.84 -9.75
CA LEU B 347 2.87 -10.81 -10.78
C LEU B 347 1.78 -9.83 -10.41
N GLN B 348 2.17 -8.55 -10.46
CA GLN B 348 1.21 -7.48 -10.16
C GLN B 348 1.35 -6.31 -11.13
N ILE B 349 0.34 -5.45 -11.16
CA ILE B 349 0.49 -4.28 -11.98
C ILE B 349 -0.09 -3.10 -11.24
N ARG B 350 0.41 -1.90 -11.58
CA ARG B 350 -0.09 -0.68 -11.05
C ARG B 350 -0.46 0.15 -12.25
N LEU B 351 -1.61 0.86 -12.14
CA LEU B 351 -2.14 1.78 -13.15
C LEU B 351 -2.29 3.09 -12.36
N PHE B 352 -1.55 4.11 -12.76
CA PHE B 352 -1.45 5.38 -12.06
C PHE B 352 -2.59 6.35 -11.86
N GLY B 353 -3.60 6.31 -12.73
CA GLY B 353 -4.72 7.26 -12.65
C GLY B 353 -4.50 8.58 -13.37
N LYS B 354 -3.47 8.65 -14.22
CA LYS B 354 -3.16 9.86 -14.99
C LYS B 354 -4.32 10.17 -15.88
N PRO B 355 -4.78 11.44 -15.80
CA PRO B 355 -5.97 11.89 -16.50
C PRO B 355 -5.93 11.92 -18.02
N GLU B 356 -4.74 12.12 -18.59
CA GLU B 356 -4.66 12.12 -20.02
C GLU B 356 -3.28 11.91 -20.47
N ILE B 357 -3.11 11.73 -21.76
CA ILE B 357 -1.78 11.50 -22.35
C ILE B 357 -1.78 12.18 -23.72
N ASP B 358 -0.64 12.65 -24.14
CA ASP B 358 -0.58 13.24 -25.48
C ASP B 358 0.87 13.02 -25.95
N GLY B 359 1.11 11.77 -26.38
CA GLY B 359 2.44 11.46 -26.77
C GLY B 359 2.83 10.29 -25.90
N SER B 360 4.10 10.22 -25.63
CA SER B 360 4.64 9.11 -24.79
C SER B 360 4.58 9.38 -23.28
N ARG B 361 3.90 8.49 -22.54
CA ARG B 361 3.82 8.72 -21.12
C ARG B 361 3.75 7.40 -20.36
N ARG B 362 4.30 7.41 -19.13
CA ARG B 362 4.31 6.21 -18.30
C ARG B 362 2.94 6.12 -17.61
N LEU B 363 2.09 5.12 -17.99
CA LEU B 363 0.79 5.07 -17.35
C LEU B 363 0.61 4.04 -16.23
N GLY B 364 1.58 3.14 -16.08
CA GLY B 364 1.52 2.10 -15.03
C GLY B 364 2.84 1.35 -15.05
N VAL B 365 2.89 0.26 -14.34
CA VAL B 365 4.11 -0.56 -14.29
C VAL B 365 3.73 -2.01 -13.95
N ALA B 366 4.49 -3.00 -14.44
CA ALA B 366 4.24 -4.42 -14.12
C ALA B 366 5.35 -4.81 -13.16
N LEU B 367 5.00 -5.63 -12.18
CA LEU B 367 5.98 -6.01 -11.18
C LEU B 367 6.05 -7.51 -11.10
N ALA B 368 7.24 -8.12 -11.08
CA ALA B 368 7.30 -9.58 -11.02
C ALA B 368 8.43 -10.11 -10.16
N THR B 369 8.25 -11.33 -9.65
CA THR B 369 9.32 -12.04 -8.92
C THR B 369 9.55 -13.39 -9.62
N ALA B 370 10.75 -13.99 -9.46
CA ALA B 370 11.07 -15.26 -10.13
C ALA B 370 12.30 -15.86 -9.47
N GLU B 371 12.67 -17.04 -9.95
CA GLU B 371 13.80 -17.80 -9.44
C GLU B 371 15.09 -17.18 -9.93
N SER B 372 15.00 -16.43 -11.01
CA SER B 372 16.17 -15.79 -11.55
C SER B 372 15.84 -14.36 -11.93
N VAL B 373 16.85 -13.49 -11.91
CA VAL B 373 16.64 -12.11 -12.26
C VAL B 373 16.10 -11.99 -13.70
N VAL B 374 16.67 -12.84 -14.58
CA VAL B 374 16.33 -12.91 -15.99
C VAL B 374 14.87 -13.32 -16.14
N ASP B 375 14.48 -14.29 -15.38
CA ASP B 375 13.09 -14.70 -15.51
C ASP B 375 12.14 -13.64 -15.00
N ALA B 376 12.60 -12.96 -13.95
CA ALA B 376 11.80 -11.90 -13.34
C ALA B 376 11.54 -10.83 -14.38
N ILE B 377 12.64 -10.49 -15.09
CA ILE B 377 12.59 -9.49 -16.16
C ILE B 377 11.61 -9.95 -17.25
N GLU B 378 11.72 -11.21 -17.69
CA GLU B 378 10.80 -11.58 -18.75
C GLU B 378 9.38 -11.56 -18.30
N ARG B 379 9.19 -12.04 -17.08
CA ARG B 379 7.84 -12.11 -16.55
C ARG B 379 7.20 -10.72 -16.53
N ALA B 380 7.93 -9.74 -16.03
CA ALA B 380 7.50 -8.36 -15.91
C ALA B 380 7.28 -7.74 -17.28
N LYS B 381 8.26 -7.92 -18.18
CA LYS B 381 8.13 -7.39 -19.56
C LYS B 381 6.90 -7.93 -20.27
N HIS B 382 6.75 -9.25 -20.19
CA HIS B 382 5.63 -9.87 -20.82
C HIS B 382 4.31 -9.31 -20.31
N ALA B 383 4.14 -9.22 -18.97
CA ALA B 383 2.86 -8.71 -18.42
C ALA B 383 2.60 -7.27 -18.87
N ALA B 384 3.62 -6.38 -18.86
CA ALA B 384 3.41 -4.97 -19.26
C ALA B 384 2.94 -4.96 -20.70
N GLY B 385 3.45 -5.90 -21.47
CA GLY B 385 3.14 -5.98 -22.88
C GLY B 385 1.77 -6.55 -23.17
N GLN B 386 1.13 -7.23 -22.22
CA GLN B 386 -0.20 -7.78 -22.49
C GLN B 386 -1.31 -6.77 -22.30
N VAL B 387 -0.99 -5.71 -21.59
CA VAL B 387 -1.99 -4.69 -21.35
C VAL B 387 -2.25 -3.91 -22.68
N LYS B 388 -3.54 -3.81 -23.06
CA LYS B 388 -3.90 -3.09 -24.27
C LYS B 388 -4.35 -1.71 -23.83
N VAL B 389 -3.59 -0.68 -24.22
CA VAL B 389 -3.93 0.68 -23.82
C VAL B 389 -4.78 1.31 -24.92
N GLN B 390 -6.03 1.62 -24.58
CA GLN B 390 -6.96 2.22 -25.51
C GLN B 390 -7.22 3.71 -25.25
N GLY B 391 -7.47 4.50 -26.32
CA GLY B 391 -7.69 5.96 -26.25
C GLY B 391 -9.11 6.49 -26.30
#